data_6HCV
#
_entry.id   6HCV
#
_cell.length_a   73.557
_cell.length_b   95.189
_cell.length_c   166.780
_cell.angle_alpha   90.000
_cell.angle_beta   90.000
_cell.angle_gamma   90.000
#
_symmetry.space_group_name_H-M   'P 21 21 21'
#
loop_
_entity.id
_entity.type
_entity.pdbx_description
1 polymer 'Lysine--tRNA ligase'
2 non-polymer 6-fluoranyl-~{N}-[(1-oxidanylcyclohexyl)methyl]-4-oxidanylidene-chromene-2-carboxamide
3 water water
#
_entity_poly.entity_id   1
_entity_poly.type   'polypeptide(L)'
_entity_poly.pdbx_seq_one_letter_code
;PRLYFENRSKFIQDQKDKGINPYPHKFERTISIPEFIEKYKDLGNGEHLEDTILNITGRIMRVSASGQKLRFFDLVGDGE
KIQVLANYSFHNHEKGNFAECYDKIRRGDIVGIVGFPGKSKKGELSIFPKETILLSACLHMLPMKYGLKDTEIRYRQRYL
DLLINESSRHTFVTRTKIINFLRNFLNERGFFEVETPMMNLIAGGANARPFITHHNDLDLDLYLRIATELPLKMLIVGGI
DKVYEIGKVFRNEGIDNTHNPEFTSCEFYWAYADYNDLIKWSEDFFSQLVYHLFGTYKISYNKDGPENQPIEIDFTPPYP
KVSIVEEIEKVTNTILEQPFDSNETIEKMINIIKEHKIELPNPPTAAKLLDQLASHFIENKYNDKPFFIVEHPQIMSPLA
KYHRTKPGLTERLEMFICGKEVLNAYTELNDPFKQKECFKLQQKDREKGDTEAAQLDSAFCTSLEYGLPPTGGLGLGIDR
ITMFLTNKNSIKDVILFPTMRPA
;
_entity_poly.pdbx_strand_id   A,B
#
loop_
_chem_comp.id
_chem_comp.type
_chem_comp.name
_chem_comp.formula
FYE non-polymer 6-fluoranyl-~{N}-[(1-oxidanylcyclohexyl)methyl]-4-oxidanylidene-chromene-2-carboxamide 'C17 H18 F N O4'
#
# COMPACT_ATOMS: atom_id res chain seq x y z
N PRO A 1 -39.96 5.53 -12.71
CA PRO A 1 -39.05 5.99 -11.65
C PRO A 1 -38.82 4.94 -10.54
N ARG A 2 -39.57 5.05 -9.45
CA ARG A 2 -39.71 3.97 -8.49
C ARG A 2 -40.50 2.87 -9.18
N LEU A 3 -41.33 3.28 -10.15
CA LEU A 3 -42.11 2.35 -10.94
C LEU A 3 -41.21 1.43 -11.76
N TYR A 4 -40.26 2.03 -12.48
CA TYR A 4 -39.28 1.28 -13.29
C TYR A 4 -38.66 0.16 -12.46
N PHE A 5 -38.26 0.49 -11.23
CA PHE A 5 -37.69 -0.48 -10.31
C PHE A 5 -38.67 -1.59 -9.96
N GLU A 6 -39.85 -1.19 -9.49
CA GLU A 6 -40.89 -2.15 -9.16
C GLU A 6 -41.26 -3.05 -10.33
N ASN A 7 -41.33 -2.47 -11.51
CA ASN A 7 -41.61 -3.23 -12.74
C ASN A 7 -40.47 -4.16 -13.15
N ARG A 8 -39.24 -3.65 -13.03
CA ARG A 8 -38.09 -4.48 -13.36
C ARG A 8 -38.00 -5.64 -12.37
N SER A 9 -38.39 -5.41 -11.12
CA SER A 9 -38.32 -6.46 -10.08
C SER A 9 -39.37 -7.55 -10.26
N LYS A 10 -40.57 -7.17 -10.71
CA LYS A 10 -41.55 -8.17 -11.11
C LYS A 10 -41.05 -8.97 -12.30
N PHE A 11 -40.34 -8.30 -13.21
CA PHE A 11 -39.77 -8.98 -14.38
C PHE A 11 -38.86 -10.11 -13.95
N ILE A 12 -38.03 -9.88 -12.94
CA ILE A 12 -37.15 -10.93 -12.43
C ILE A 12 -37.95 -12.09 -11.98
N GLN A 13 -39.00 -11.81 -11.22
CA GLN A 13 -39.85 -12.84 -10.65
C GLN A 13 -40.54 -13.61 -11.77
N ASP A 14 -41.01 -12.89 -12.78
CA ASP A 14 -41.62 -13.52 -13.96
C ASP A 14 -40.70 -14.46 -14.71
N GLN A 15 -39.44 -14.06 -14.87
CA GLN A 15 -38.45 -14.87 -15.60
C GLN A 15 -38.23 -16.17 -14.89
N LYS A 16 -38.11 -16.07 -13.57
CA LYS A 16 -37.90 -17.24 -12.71
C LYS A 16 -39.09 -18.21 -12.79
N ASP A 17 -40.29 -17.63 -12.76
CA ASP A 17 -41.52 -18.42 -12.93
C ASP A 17 -41.56 -19.22 -14.27
N LYS A 18 -40.62 -18.96 -15.18
CA LYS A 18 -40.56 -19.62 -16.48
C LYS A 18 -39.35 -20.53 -16.68
N GLY A 19 -38.60 -20.79 -15.61
CA GLY A 19 -37.41 -21.64 -15.71
C GLY A 19 -36.14 -20.88 -16.08
N ILE A 20 -36.30 -19.57 -16.32
CA ILE A 20 -35.17 -18.69 -16.68
C ILE A 20 -34.53 -18.04 -15.43
N ASN A 21 -33.31 -18.45 -15.10
CA ASN A 21 -32.58 -17.77 -14.05
C ASN A 21 -31.87 -16.51 -14.60
N PRO A 22 -32.23 -15.33 -14.09
CA PRO A 22 -31.65 -14.08 -14.57
C PRO A 22 -30.29 -13.77 -13.93
N TYR A 23 -29.92 -14.57 -12.94
CA TYR A 23 -28.60 -14.53 -12.36
C TYR A 23 -28.00 -15.93 -12.37
N PRO A 24 -27.69 -16.48 -13.55
CA PRO A 24 -27.12 -17.84 -13.63
C PRO A 24 -25.80 -17.99 -12.91
N HIS A 25 -25.43 -19.22 -12.56
CA HIS A 25 -24.20 -19.47 -11.84
C HIS A 25 -22.97 -19.16 -12.63
N LYS A 26 -22.92 -19.68 -13.86
CA LYS A 26 -21.72 -19.63 -14.68
C LYS A 26 -22.02 -19.23 -16.14
N PHE A 27 -21.06 -18.57 -16.76
CA PHE A 27 -21.00 -18.41 -18.19
C PHE A 27 -19.53 -18.44 -18.57
N GLU A 28 -19.10 -19.45 -19.31
CA GLU A 28 -17.67 -19.50 -19.66
C GLU A 28 -17.46 -18.59 -20.85
N ARG A 29 -16.75 -17.50 -20.65
CA ARG A 29 -16.44 -16.62 -21.75
C ARG A 29 -15.08 -16.97 -22.29
N THR A 30 -14.87 -16.70 -23.57
CA THR A 30 -13.62 -17.08 -24.18
C THR A 30 -12.75 -15.89 -24.57
N ILE A 31 -13.30 -14.67 -24.46
CA ILE A 31 -12.56 -13.49 -24.85
C ILE A 31 -13.08 -12.23 -24.16
N SER A 32 -12.19 -11.31 -23.82
CA SER A 32 -12.65 -10.06 -23.26
C SER A 32 -12.93 -9.07 -24.40
N ILE A 33 -13.70 -8.03 -24.12
CA ILE A 33 -13.99 -7.03 -25.13
C ILE A 33 -12.71 -6.35 -25.62
N PRO A 34 -11.79 -5.96 -24.71
CA PRO A 34 -10.55 -5.38 -25.26
C PRO A 34 -9.78 -6.36 -26.12
N GLU A 35 -9.74 -7.64 -25.75
CA GLU A 35 -9.07 -8.65 -26.60
C GLU A 35 -9.75 -8.81 -27.95
N PHE A 36 -11.07 -8.68 -27.94
CA PHE A 36 -11.89 -8.86 -29.15
C PHE A 36 -11.53 -7.76 -30.17
N ILE A 37 -11.43 -6.54 -29.68
CA ILE A 37 -11.11 -5.37 -30.49
C ILE A 37 -9.69 -5.48 -31.09
N GLU A 38 -8.70 -5.76 -30.25
CA GLU A 38 -7.33 -5.93 -30.73
C GLU A 38 -7.25 -6.98 -31.83
N LYS A 39 -7.93 -8.11 -31.61
CA LYS A 39 -7.83 -9.21 -32.55
C LYS A 39 -8.56 -8.98 -33.87
N TYR A 40 -9.76 -8.40 -33.85
CA TYR A 40 -10.56 -8.27 -35.07
C TYR A 40 -10.63 -6.85 -35.64
N LYS A 41 -9.86 -5.96 -35.02
CA LYS A 41 -9.56 -4.61 -35.49
C LYS A 41 -9.52 -4.44 -37.02
N ASP A 42 -8.88 -5.34 -37.72
CA ASP A 42 -8.55 -5.10 -39.11
C ASP A 42 -9.46 -5.79 -40.12
N LEU A 43 -10.65 -6.18 -39.68
CA LEU A 43 -11.63 -6.72 -40.61
C LEU A 43 -12.10 -5.61 -41.55
N GLY A 44 -12.56 -6.00 -42.73
CA GLY A 44 -13.11 -5.07 -43.68
C GLY A 44 -14.58 -4.82 -43.35
N ASN A 45 -15.12 -3.69 -43.83
CA ASN A 45 -16.54 -3.40 -43.69
C ASN A 45 -17.42 -4.55 -44.18
N GLY A 46 -18.34 -4.99 -43.33
CA GLY A 46 -19.29 -6.03 -43.70
C GLY A 46 -18.71 -7.44 -43.65
N GLU A 47 -17.44 -7.57 -43.30
CA GLU A 47 -16.81 -8.89 -43.27
C GLU A 47 -17.25 -9.64 -42.02
N HIS A 48 -17.72 -10.87 -42.21
CA HIS A 48 -18.10 -11.74 -41.12
C HIS A 48 -17.14 -12.94 -41.03
N LEU A 49 -16.86 -13.42 -39.80
CA LEU A 49 -16.22 -14.74 -39.61
C LEU A 49 -17.21 -15.70 -38.95
N GLU A 50 -18.18 -16.11 -39.77
CA GLU A 50 -19.33 -16.89 -39.35
C GLU A 50 -18.99 -18.21 -38.70
N ASP A 51 -17.78 -18.69 -38.94
CA ASP A 51 -17.34 -19.99 -38.46
C ASP A 51 -16.48 -19.90 -37.21
N THR A 52 -16.10 -18.70 -36.80
CA THR A 52 -15.49 -18.52 -35.51
C THR A 52 -16.58 -18.31 -34.48
N ILE A 53 -16.71 -19.22 -33.53
CA ILE A 53 -17.68 -19.06 -32.45
C ILE A 53 -16.98 -18.63 -31.18
N LEU A 54 -17.59 -17.68 -30.49
CA LEU A 54 -16.95 -17.13 -29.32
C LEU A 54 -17.95 -16.88 -28.20
N ASN A 55 -17.47 -16.93 -26.98
CA ASN A 55 -18.30 -16.52 -25.82
C ASN A 55 -17.79 -15.22 -25.23
N ILE A 56 -18.65 -14.22 -25.15
CA ILE A 56 -18.21 -12.89 -24.72
C ILE A 56 -19.24 -12.32 -23.76
N THR A 57 -18.82 -11.40 -22.90
CA THR A 57 -19.73 -10.82 -21.93
C THR A 57 -19.49 -9.34 -21.86
N GLY A 58 -20.40 -8.63 -21.20
CA GLY A 58 -20.26 -7.19 -21.01
C GLY A 58 -21.59 -6.57 -20.65
N ARG A 59 -21.63 -5.24 -20.56
CA ARG A 59 -22.79 -4.55 -20.06
C ARG A 59 -23.44 -3.73 -21.15
N ILE A 60 -24.74 -3.92 -21.31
CA ILE A 60 -25.50 -3.23 -22.36
C ILE A 60 -25.65 -1.77 -21.97
N MET A 61 -25.21 -0.86 -22.83
CA MET A 61 -25.34 0.58 -22.52
C MET A 61 -26.19 1.37 -23.51
N ARG A 62 -26.81 0.66 -24.44
CA ARG A 62 -27.56 1.26 -25.51
C ARG A 62 -28.44 0.21 -26.17
N VAL A 63 -29.71 0.54 -26.36
CA VAL A 63 -30.64 -0.32 -27.06
C VAL A 63 -31.28 0.41 -28.25
N SER A 64 -31.40 -0.28 -29.38
CA SER A 64 -32.21 0.15 -30.52
C SER A 64 -32.57 -1.02 -31.44
N ALA A 65 -33.53 -0.79 -32.34
CA ALA A 65 -34.01 -1.84 -33.25
C ALA A 65 -34.17 -1.33 -34.68
N SER A 66 -34.24 -2.26 -35.64
CA SER A 66 -34.63 -1.96 -37.03
C SER A 66 -35.75 -2.88 -37.46
N GLY A 67 -36.85 -2.81 -36.74
CA GLY A 67 -37.90 -3.76 -36.93
C GLY A 67 -37.64 -4.83 -35.91
N GLN A 68 -38.42 -5.89 -35.99
CA GLN A 68 -38.51 -6.78 -34.88
C GLN A 68 -37.55 -7.94 -35.06
N LYS A 69 -36.95 -8.02 -36.25
CA LYS A 69 -36.04 -9.10 -36.59
C LYS A 69 -34.57 -8.62 -36.68
N LEU A 70 -34.33 -7.39 -36.24
CA LEU A 70 -32.97 -6.82 -36.19
C LEU A 70 -32.74 -5.83 -35.05
N ARG A 71 -31.96 -6.26 -34.05
CA ARG A 71 -31.74 -5.47 -32.83
C ARG A 71 -30.25 -5.09 -32.68
N PHE A 72 -30.00 -3.88 -32.19
CA PHE A 72 -28.66 -3.28 -32.12
C PHE A 72 -28.36 -2.81 -30.72
N PHE A 73 -27.21 -3.23 -30.17
CA PHE A 73 -26.79 -2.79 -28.82
C PHE A 73 -25.33 -2.31 -28.71
N ASP A 74 -25.06 -1.42 -27.75
CA ASP A 74 -23.69 -1.14 -27.35
C ASP A 74 -23.36 -2.06 -26.20
N LEU A 75 -22.26 -2.80 -26.32
CA LEU A 75 -21.79 -3.67 -25.25
C LEU A 75 -20.47 -3.14 -24.74
N VAL A 76 -20.34 -2.92 -23.44
CA VAL A 76 -19.09 -2.39 -22.93
C VAL A 76 -18.43 -3.32 -21.89
N GLY A 77 -17.10 -3.35 -21.88
CA GLY A 77 -16.33 -4.10 -20.91
C GLY A 77 -14.93 -3.55 -20.79
N ASP A 78 -14.44 -3.49 -19.55
CA ASP A 78 -13.10 -2.96 -19.27
C ASP A 78 -12.90 -1.59 -19.95
N GLY A 79 -13.92 -0.75 -19.91
CA GLY A 79 -13.85 0.58 -20.49
C GLY A 79 -13.91 0.69 -22.00
N GLU A 80 -14.03 -0.43 -22.72
CA GLU A 80 -14.10 -0.41 -24.17
C GLU A 80 -15.44 -0.92 -24.67
N LYS A 81 -15.79 -0.58 -25.91
CA LYS A 81 -17.11 -0.80 -26.44
C LYS A 81 -17.12 -1.53 -27.79
N ILE A 82 -18.07 -2.45 -27.96
CA ILE A 82 -18.36 -2.96 -29.32
C ILE A 82 -19.86 -2.96 -29.57
N GLN A 83 -20.26 -3.26 -30.80
CA GLN A 83 -21.69 -3.34 -31.11
C GLN A 83 -22.19 -4.77 -31.03
N VAL A 84 -23.46 -4.92 -30.68
CA VAL A 84 -24.13 -6.21 -30.74
C VAL A 84 -25.19 -6.14 -31.84
N LEU A 85 -25.07 -7.03 -32.81
CA LEU A 85 -26.02 -7.07 -33.93
C LEU A 85 -26.79 -8.35 -33.93
N ALA A 86 -27.98 -8.35 -33.36
CA ALA A 86 -28.81 -9.54 -33.32
C ALA A 86 -29.70 -9.63 -34.57
N ASN A 87 -29.31 -10.53 -35.49
CA ASN A 87 -30.06 -10.78 -36.73
C ASN A 87 -30.90 -12.05 -36.58
N TYR A 88 -32.20 -11.96 -36.83
CA TYR A 88 -33.13 -13.13 -36.76
C TYR A 88 -32.57 -14.43 -37.36
N SER A 89 -31.91 -14.32 -38.50
CA SER A 89 -31.41 -15.51 -39.19
C SER A 89 -30.26 -16.18 -38.50
N PHE A 90 -29.54 -15.47 -37.65
CA PHE A 90 -28.39 -16.05 -36.98
C PHE A 90 -28.76 -16.64 -35.62
N HIS A 91 -29.91 -16.24 -35.09
CA HIS A 91 -30.41 -16.72 -33.80
C HIS A 91 -30.59 -18.24 -33.73
N ASN A 92 -30.30 -18.85 -32.57
CA ASN A 92 -30.61 -20.27 -32.36
C ASN A 92 -31.98 -20.40 -31.74
N HIS A 93 -32.95 -20.41 -32.65
CA HIS A 93 -34.36 -20.61 -32.38
C HIS A 93 -34.80 -21.74 -31.45
N GLU A 94 -34.02 -22.81 -31.39
CA GLU A 94 -34.27 -23.92 -30.46
C GLU A 94 -34.20 -23.46 -29.00
N LYS A 95 -33.36 -22.46 -28.78
CA LYS A 95 -33.01 -22.04 -27.43
C LYS A 95 -34.08 -21.10 -26.88
N GLY A 96 -34.88 -20.52 -27.76
CA GLY A 96 -35.93 -19.63 -27.32
C GLY A 96 -36.46 -18.80 -28.46
N ASN A 97 -37.50 -18.02 -28.21
CA ASN A 97 -38.12 -17.18 -29.23
C ASN A 97 -37.38 -15.87 -29.43
N PHE A 98 -36.96 -15.60 -30.67
CA PHE A 98 -36.08 -14.45 -30.95
C PHE A 98 -36.59 -13.11 -30.39
N ALA A 99 -37.84 -12.78 -30.67
CA ALA A 99 -38.39 -11.51 -30.24
C ALA A 99 -38.41 -11.39 -28.71
N GLU A 100 -38.92 -12.39 -28.03
CA GLU A 100 -39.00 -12.28 -26.58
C GLU A 100 -37.66 -12.58 -25.87
N CYS A 101 -36.64 -12.94 -26.62
CA CYS A 101 -35.34 -13.10 -26.02
C CYS A 101 -34.69 -11.72 -26.00
N TYR A 102 -35.00 -10.89 -26.99
CA TYR A 102 -34.31 -9.60 -27.15
C TYR A 102 -35.15 -8.42 -26.68
N ASP A 103 -36.46 -8.61 -26.66
CA ASP A 103 -37.38 -7.64 -26.08
C ASP A 103 -37.10 -7.34 -24.60
N LYS A 104 -36.67 -8.34 -23.84
CA LYS A 104 -36.51 -8.20 -22.38
C LYS A 104 -35.30 -7.34 -21.98
N ILE A 105 -34.29 -7.29 -22.84
CA ILE A 105 -33.00 -6.65 -22.52
C ILE A 105 -33.09 -5.14 -22.38
N ARG A 106 -32.56 -4.59 -21.29
CA ARG A 106 -32.55 -3.14 -21.08
C ARG A 106 -31.17 -2.60 -20.79
N ARG A 107 -31.01 -1.30 -21.03
CA ARG A 107 -29.78 -0.59 -20.77
C ARG A 107 -29.33 -0.83 -19.32
N GLY A 108 -28.11 -1.34 -19.17
CA GLY A 108 -27.57 -1.66 -17.85
C GLY A 108 -27.40 -3.13 -17.60
N ASP A 109 -28.15 -3.94 -18.31
CA ASP A 109 -28.11 -5.37 -18.11
C ASP A 109 -26.77 -5.89 -18.52
N ILE A 110 -26.24 -6.83 -17.72
CA ILE A 110 -25.03 -7.56 -18.06
C ILE A 110 -25.46 -8.82 -18.77
N VAL A 111 -24.86 -9.10 -19.93
CA VAL A 111 -25.26 -10.26 -20.69
C VAL A 111 -24.11 -11.15 -21.10
N GLY A 112 -24.46 -12.41 -21.37
CA GLY A 112 -23.54 -13.37 -21.95
C GLY A 112 -24.01 -13.71 -23.36
N ILE A 113 -23.10 -13.59 -24.33
CA ILE A 113 -23.41 -13.83 -25.72
C ILE A 113 -22.59 -14.98 -26.26
N VAL A 114 -23.25 -15.89 -26.98
CA VAL A 114 -22.55 -16.83 -27.88
C VAL A 114 -22.76 -16.30 -29.31
N GLY A 115 -21.68 -16.05 -30.06
CA GLY A 115 -21.80 -15.49 -31.41
C GLY A 115 -20.51 -15.51 -32.22
N PHE A 116 -20.57 -14.91 -33.42
CA PHE A 116 -19.38 -14.76 -34.27
C PHE A 116 -19.00 -13.27 -34.44
N PRO A 117 -17.72 -12.99 -34.69
CA PRO A 117 -17.23 -11.63 -34.87
C PRO A 117 -17.34 -11.19 -36.32
N GLY A 118 -17.47 -9.89 -36.53
CA GLY A 118 -17.57 -9.31 -37.86
C GLY A 118 -17.73 -7.81 -37.77
N LYS A 119 -17.60 -7.10 -38.90
CA LYS A 119 -17.91 -5.67 -38.90
C LYS A 119 -19.22 -5.43 -39.61
N SER A 120 -20.03 -4.50 -39.09
CA SER A 120 -21.22 -4.08 -39.79
C SER A 120 -20.77 -3.41 -41.08
N LYS A 121 -21.72 -3.24 -41.99
CA LYS A 121 -21.45 -2.58 -43.28
C LYS A 121 -20.84 -1.20 -43.07
N LYS A 122 -21.39 -0.48 -42.11
CA LYS A 122 -20.91 0.84 -41.71
C LYS A 122 -19.48 0.84 -41.15
N GLY A 123 -18.95 -0.33 -40.79
CA GLY A 123 -17.57 -0.42 -40.31
C GLY A 123 -17.36 -0.65 -38.81
N GLU A 124 -18.43 -0.92 -38.07
CA GLU A 124 -18.38 -1.09 -36.62
C GLU A 124 -18.11 -2.53 -36.21
N LEU A 125 -17.00 -2.75 -35.52
CA LEU A 125 -16.73 -4.03 -34.90
C LEU A 125 -17.97 -4.48 -34.14
N SER A 126 -18.39 -5.72 -34.40
CA SER A 126 -19.61 -6.22 -33.83
C SER A 126 -19.48 -7.69 -33.48
N ILE A 127 -20.22 -8.08 -32.44
CA ILE A 127 -20.54 -9.48 -32.20
C ILE A 127 -21.94 -9.72 -32.76
N PHE A 128 -22.08 -10.81 -33.50
CA PHE A 128 -23.36 -11.22 -34.05
C PHE A 128 -23.84 -12.43 -33.26
N PRO A 129 -24.72 -12.23 -32.29
CA PRO A 129 -25.19 -13.34 -31.45
C PRO A 129 -25.97 -14.45 -32.19
N LYS A 130 -25.74 -15.71 -31.80
CA LYS A 130 -26.67 -16.82 -32.03
C LYS A 130 -27.58 -16.96 -30.79
N GLU A 131 -27.12 -16.39 -29.69
CA GLU A 131 -27.66 -16.71 -28.39
C GLU A 131 -27.20 -15.66 -27.38
N THR A 132 -28.16 -15.05 -26.68
CA THR A 132 -27.89 -13.96 -25.77
C THR A 132 -28.66 -14.10 -24.46
N ILE A 133 -27.93 -13.99 -23.35
CA ILE A 133 -28.45 -14.44 -22.06
C ILE A 133 -28.16 -13.38 -21.00
N LEU A 134 -29.15 -13.15 -20.15
CA LEU A 134 -28.98 -12.28 -19.00
C LEU A 134 -28.04 -12.93 -17.97
N LEU A 135 -27.11 -12.14 -17.43
CA LEU A 135 -26.24 -12.65 -16.34
C LEU A 135 -26.46 -11.85 -15.05
N SER A 136 -26.83 -10.57 -15.19
CA SER A 136 -27.22 -9.80 -14.06
C SER A 136 -27.96 -8.56 -14.52
N ALA A 137 -29.18 -8.39 -14.01
CA ALA A 137 -30.04 -7.29 -14.40
C ALA A 137 -29.71 -6.00 -13.69
N CYS A 138 -29.97 -4.90 -14.37
CA CYS A 138 -29.87 -3.59 -13.80
C CYS A 138 -31.27 -3.09 -13.51
N LEU A 139 -31.71 -3.21 -12.26
CA LEU A 139 -33.11 -2.96 -11.87
C LEU A 139 -33.47 -1.51 -11.88
N HIS A 140 -32.47 -0.64 -11.81
CA HIS A 140 -32.67 0.80 -11.80
C HIS A 140 -32.35 1.42 -13.15
N MET A 141 -32.85 2.62 -13.37
CA MET A 141 -32.48 3.36 -14.55
C MET A 141 -31.13 4.06 -14.36
N LEU A 142 -30.15 3.70 -15.17
CA LEU A 142 -28.89 4.40 -15.18
C LEU A 142 -29.07 5.81 -15.72
N PRO A 143 -28.35 6.79 -15.15
CA PRO A 143 -28.41 8.13 -15.73
C PRO A 143 -27.88 8.12 -17.14
N MET A 144 -28.40 9.00 -17.98
CA MET A 144 -27.99 9.06 -19.37
C MET A 144 -26.59 9.65 -19.53
N LYS A 145 -25.94 9.32 -20.66
CA LYS A 145 -24.65 9.89 -20.99
C LYS A 145 -24.75 11.43 -21.01
N TYR A 146 -23.93 12.06 -20.16
CA TYR A 146 -23.88 13.53 -19.93
C TYR A 146 -24.85 14.02 -18.85
N GLY A 147 -25.36 13.11 -18.01
CA GLY A 147 -26.39 13.49 -17.03
C GLY A 147 -26.07 13.14 -15.60
N LEU A 148 -24.80 13.30 -15.23
CA LEU A 148 -24.31 12.90 -13.90
C LEU A 148 -23.11 13.75 -13.46
N THR A 151 -22.89 16.04 -10.13
CA THR A 151 -23.62 16.03 -8.86
C THR A 151 -22.72 15.50 -7.69
N GLU A 152 -23.34 15.00 -6.62
CA GLU A 152 -22.59 14.41 -5.50
C GLU A 152 -22.85 12.90 -5.33
N ILE A 153 -23.82 12.37 -6.07
CA ILE A 153 -23.99 10.94 -6.24
C ILE A 153 -22.68 10.32 -6.77
N ARG A 154 -21.92 11.09 -7.55
CA ARG A 154 -20.71 10.61 -8.19
C ARG A 154 -19.69 10.11 -7.17
N TYR A 155 -19.66 10.76 -6.00
CA TYR A 155 -18.66 10.50 -5.01
C TYR A 155 -19.02 9.41 -4.04
N ARG A 156 -20.31 9.09 -3.94
CA ARG A 156 -20.74 8.03 -3.05
C ARG A 156 -20.90 6.79 -3.89
N GLN A 157 -21.76 6.90 -4.90
CA GLN A 157 -22.00 5.81 -5.81
C GLN A 157 -21.04 5.89 -6.97
N ARG A 158 -19.77 5.62 -6.67
CA ARG A 158 -18.69 5.81 -7.66
C ARG A 158 -18.86 4.86 -8.85
N TYR A 159 -19.53 3.73 -8.65
CA TYR A 159 -19.79 2.81 -9.75
C TYR A 159 -20.66 3.46 -10.85
N LEU A 160 -21.61 4.30 -10.46
CA LEU A 160 -22.39 5.05 -11.45
C LEU A 160 -21.52 5.99 -12.26
N ASP A 161 -20.64 6.69 -11.57
CA ASP A 161 -19.71 7.63 -12.21
C ASP A 161 -18.78 6.90 -13.22
N LEU A 162 -18.25 5.76 -12.77
CA LEU A 162 -17.39 4.94 -13.58
C LEU A 162 -18.09 4.36 -14.82
N LEU A 163 -19.41 4.11 -14.71
CA LEU A 163 -20.13 3.54 -15.82
C LEU A 163 -20.55 4.62 -16.81
N ILE A 164 -20.93 5.79 -16.33
CA ILE A 164 -21.52 6.84 -17.18
C ILE A 164 -20.50 7.84 -17.75
N ASN A 165 -19.51 8.24 -16.94
CA ASN A 165 -18.48 9.21 -17.34
C ASN A 165 -17.15 8.50 -17.71
N GLU A 166 -16.85 8.51 -19.02
CA GLU A 166 -15.67 7.88 -19.58
C GLU A 166 -14.35 8.38 -18.98
N SER A 167 -14.30 9.66 -18.68
CA SER A 167 -13.05 10.22 -18.21
C SER A 167 -12.70 9.77 -16.77
N SER A 168 -13.70 9.40 -15.98
CA SER A 168 -13.36 9.11 -14.60
C SER A 168 -12.53 7.84 -14.52
N ARG A 169 -12.91 6.80 -15.25
CA ARG A 169 -12.06 5.60 -15.34
C ARG A 169 -10.61 5.91 -15.68
N HIS A 170 -10.43 6.73 -16.70
CA HIS A 170 -9.09 7.20 -17.16
C HIS A 170 -8.31 7.92 -16.05
N THR A 171 -9.00 8.75 -15.30
CA THR A 171 -8.43 9.42 -14.15
C THR A 171 -7.81 8.38 -13.17
N PHE A 172 -8.59 7.36 -12.81
CA PHE A 172 -8.14 6.40 -11.81
C PHE A 172 -7.15 5.39 -12.33
N VAL A 173 -7.21 5.09 -13.63
CA VAL A 173 -6.16 4.32 -14.29
C VAL A 173 -4.85 5.11 -14.19
N THR A 174 -4.89 6.38 -14.58
CA THR A 174 -3.73 7.27 -14.46
C THR A 174 -3.20 7.32 -13.01
N ARG A 175 -4.10 7.32 -12.02
CA ARG A 175 -3.63 7.32 -10.63
C ARG A 175 -2.73 6.12 -10.39
N THR A 176 -3.22 4.95 -10.77
CA THR A 176 -2.51 3.71 -10.55
C THR A 176 -1.18 3.65 -11.29
N LYS A 177 -1.18 4.14 -12.53
CA LYS A 177 0.05 4.26 -13.31
C LYS A 177 1.06 5.14 -12.62
N ILE A 178 0.60 6.20 -11.97
CA ILE A 178 1.47 7.13 -11.25
C ILE A 178 2.17 6.43 -10.08
N ILE A 179 1.37 5.75 -9.27
CA ILE A 179 1.88 4.97 -8.13
C ILE A 179 2.83 3.87 -8.62
N ASN A 180 2.45 3.17 -9.69
CA ASN A 180 3.31 2.10 -10.24
C ASN A 180 4.68 2.67 -10.68
N PHE A 181 4.67 3.81 -11.34
CA PHE A 181 5.89 4.48 -11.77
C PHE A 181 6.80 4.80 -10.58
N LEU A 182 6.20 5.27 -9.49
CA LEU A 182 6.95 5.66 -8.31
C LEU A 182 7.59 4.46 -7.61
N ARG A 183 6.79 3.42 -7.41
CA ARG A 183 7.26 2.20 -6.85
C ARG A 183 8.46 1.68 -7.65
N ASN A 184 8.32 1.63 -8.97
CA ASN A 184 9.41 1.18 -9.83
C ASN A 184 10.61 2.15 -9.77
N PHE A 185 10.31 3.44 -9.75
CA PHE A 185 11.37 4.44 -9.73
C PHE A 185 12.26 4.24 -8.49
N LEU A 186 11.63 4.01 -7.36
CA LEU A 186 12.36 3.78 -6.11
C LEU A 186 13.06 2.43 -6.07
N ASN A 187 12.35 1.37 -6.47
CA ASN A 187 12.87 0.02 -6.36
C ASN A 187 14.09 -0.15 -7.26
N GLU A 188 14.05 0.45 -8.44
CA GLU A 188 15.18 0.44 -9.35
C GLU A 188 16.38 1.17 -8.79
N ARG A 189 16.18 1.97 -7.74
CA ARG A 189 17.30 2.70 -7.13
C ARG A 189 17.69 2.06 -5.80
N GLY A 190 17.17 0.86 -5.55
CA GLY A 190 17.63 0.06 -4.42
C GLY A 190 16.82 0.35 -3.17
N PHE A 191 15.75 1.10 -3.31
CA PHE A 191 14.88 1.41 -2.15
C PHE A 191 14.05 0.19 -1.75
N PHE A 192 13.79 0.08 -0.46
CA PHE A 192 13.14 -1.08 0.13
C PHE A 192 11.81 -0.67 0.78
N GLU A 193 10.71 -1.22 0.28
CA GLU A 193 9.39 -0.84 0.77
C GLU A 193 9.01 -1.52 2.07
N VAL A 194 8.50 -0.76 3.04
CA VAL A 194 8.01 -1.33 4.30
C VAL A 194 6.63 -0.84 4.70
N GLU A 195 6.18 -1.33 5.84
CA GLU A 195 4.89 -0.95 6.43
C GLU A 195 5.16 -0.58 7.89
N THR A 196 4.66 0.58 8.32
CA THR A 196 4.85 1.00 9.69
C THR A 196 3.47 1.13 10.31
N PRO A 197 3.37 1.28 11.68
CA PRO A 197 2.06 1.32 12.37
C PRO A 197 1.10 2.42 11.89
N MET A 198 -0.17 2.08 11.74
CA MET A 198 -1.20 3.06 11.39
C MET A 198 -1.65 3.90 12.61
N MET A 199 -1.39 3.36 13.80
CA MET A 199 -1.74 4.01 15.06
C MET A 199 -0.54 4.03 15.98
N ASN A 200 -0.32 5.16 16.65
CA ASN A 200 0.78 5.27 17.59
C ASN A 200 0.31 5.89 18.88
N LEU A 201 1.19 5.87 19.86
CA LEU A 201 0.94 6.50 21.16
C LEU A 201 1.26 7.98 21.16
N ILE A 202 2.15 8.40 20.28
CA ILE A 202 2.61 9.79 20.19
C ILE A 202 1.92 10.60 19.09
N ALA A 203 1.73 11.89 19.36
CA ALA A 203 1.10 12.81 18.41
C ALA A 203 1.92 14.10 18.28
N ALA A 208 0.37 18.48 12.82
CA ALA A 208 -1.05 18.24 12.52
C ALA A 208 -1.91 17.82 13.73
N ARG A 209 -3.21 18.05 13.62
CA ARG A 209 -4.22 17.64 14.59
C ARG A 209 -4.68 16.22 14.25
N PRO A 210 -4.54 15.30 15.21
CA PRO A 210 -4.68 13.86 14.93
C PRO A 210 -6.08 13.27 15.13
N PHE A 211 -6.31 12.14 14.48
CA PHE A 211 -7.48 11.34 14.81
C PHE A 211 -7.15 10.53 16.06
N ILE A 212 -8.16 10.30 16.90
CA ILE A 212 -7.95 9.50 18.11
C ILE A 212 -8.88 8.27 18.11
N THR A 213 -8.39 7.16 18.62
CA THR A 213 -9.15 5.93 18.63
C THR A 213 -8.80 5.13 19.86
N HIS A 214 -9.79 4.48 20.42
CA HIS A 214 -9.59 3.67 21.62
C HIS A 214 -9.20 2.24 21.22
N HIS A 215 -8.06 1.77 21.73
CA HIS A 215 -7.62 0.38 21.52
C HIS A 215 -8.20 -0.51 22.63
N ASN A 216 -9.07 -1.45 22.28
CA ASN A 216 -9.77 -2.24 23.28
C ASN A 216 -8.88 -3.13 24.12
N ASP A 217 -8.04 -3.91 23.46
CA ASP A 217 -7.23 -4.91 24.15
C ASP A 217 -6.21 -4.34 25.12
N LEU A 218 -5.56 -3.24 24.76
CA LEU A 218 -4.56 -2.59 25.61
C LEU A 218 -5.10 -1.43 26.49
N ASP A 219 -6.40 -1.16 26.40
CA ASP A 219 -7.04 -0.03 27.11
C ASP A 219 -6.32 1.30 26.91
N LEU A 220 -5.90 1.56 25.69
CA LEU A 220 -5.24 2.82 25.39
C LEU A 220 -6.04 3.61 24.38
N ASP A 221 -5.82 4.92 24.37
CA ASP A 221 -6.34 5.78 23.36
C ASP A 221 -5.19 6.19 22.50
N LEU A 222 -5.24 5.78 21.23
CA LEU A 222 -4.10 5.90 20.34
C LEU A 222 -4.38 6.95 19.27
N TYR A 223 -3.35 7.33 18.55
CA TYR A 223 -3.43 8.37 17.54
C TYR A 223 -3.15 7.77 16.18
N LEU A 224 -4.04 8.04 15.24
CA LEU A 224 -3.82 7.60 13.89
C LEU A 224 -2.67 8.45 13.35
N ARG A 225 -1.79 7.82 12.58
CA ARG A 225 -0.62 8.44 12.07
C ARG A 225 -0.97 9.66 11.20
N ILE A 226 -0.20 10.74 11.36
CA ILE A 226 -0.29 11.91 10.49
C ILE A 226 0.83 11.86 9.45
N ALA A 227 1.82 11.01 9.69
CA ALA A 227 2.94 10.84 8.80
C ALA A 227 3.71 9.60 9.17
N THR A 228 4.59 9.18 8.28
CA THR A 228 5.39 7.99 8.50
C THR A 228 6.88 8.30 8.80
N GLU A 229 7.19 9.57 9.07
CA GLU A 229 8.56 10.03 9.35
C GLU A 229 9.35 9.21 10.40
N LEU A 230 8.84 9.12 11.61
CA LEU A 230 9.65 8.61 12.73
C LEU A 230 10.06 7.15 12.58
N PRO A 231 9.10 6.23 12.37
CA PRO A 231 9.56 4.84 12.27
C PRO A 231 10.44 4.57 11.04
N LEU A 232 10.24 5.30 9.93
CA LEU A 232 11.12 5.12 8.78
C LEU A 232 12.56 5.49 9.12
N LYS A 233 12.73 6.59 9.84
CA LYS A 233 14.06 6.98 10.30
C LYS A 233 14.67 5.95 11.24
N MET A 234 13.85 5.31 12.05
CA MET A 234 14.37 4.30 12.98
C MET A 234 14.90 3.09 12.22
N LEU A 235 14.32 2.82 11.06
CA LEU A 235 14.82 1.77 10.20
C LEU A 235 16.14 2.18 9.57
N ILE A 236 16.34 3.47 9.32
CA ILE A 236 17.66 3.92 8.86
C ILE A 236 18.70 3.55 9.92
N VAL A 237 18.43 3.90 11.16
CA VAL A 237 19.26 3.52 12.28
C VAL A 237 19.55 2.02 12.28
N GLY A 238 18.54 1.23 11.99
CA GLY A 238 18.65 -0.18 11.97
C GLY A 238 19.35 -0.68 10.72
N GLY A 239 19.84 0.23 9.91
CA GLY A 239 20.66 -0.16 8.77
C GLY A 239 19.93 -0.47 7.47
N ILE A 240 18.61 -0.25 7.40
CA ILE A 240 17.97 -0.26 6.09
C ILE A 240 18.16 1.12 5.45
N ASP A 241 19.20 1.25 4.64
CA ASP A 241 19.74 2.57 4.29
C ASP A 241 18.97 3.32 3.21
N LYS A 242 18.11 2.61 2.49
CA LYS A 242 17.18 3.23 1.55
C LYS A 242 15.79 2.62 1.76
N VAL A 243 14.89 3.36 2.39
CA VAL A 243 13.63 2.78 2.87
C VAL A 243 12.47 3.71 2.45
N TYR A 244 11.30 3.15 2.15
CA TYR A 244 10.13 3.96 1.89
C TYR A 244 8.80 3.27 2.17
N GLU A 245 7.75 4.08 2.16
CA GLU A 245 6.42 3.59 2.37
C GLU A 245 5.42 4.44 1.57
N ILE A 246 4.57 3.77 0.83
CA ILE A 246 3.42 4.40 0.19
C ILE A 246 2.15 3.90 0.88
N GLY A 247 1.42 4.81 1.51
CA GLY A 247 0.21 4.45 2.21
C GLY A 247 -0.58 5.63 2.75
N LYS A 248 -1.64 5.32 3.46
CA LYS A 248 -2.56 6.31 3.99
C LYS A 248 -2.05 6.99 5.23
N VAL A 249 -2.24 8.30 5.27
CA VAL A 249 -2.09 9.07 6.49
C VAL A 249 -3.38 9.85 6.73
N PHE A 250 -3.57 10.25 7.98
CA PHE A 250 -4.86 10.76 8.47
C PHE A 250 -4.67 12.11 9.13
N ARG A 251 -5.48 13.09 8.72
CA ARG A 251 -5.41 14.39 9.31
C ARG A 251 -6.78 14.86 9.76
N ASN A 252 -6.90 15.11 11.05
CA ASN A 252 -8.15 15.56 11.63
C ASN A 252 -8.24 17.09 11.52
N GLU A 253 -8.34 17.56 10.29
CA GLU A 253 -8.26 18.99 10.02
C GLU A 253 -9.37 19.41 9.08
N GLY A 254 -9.03 20.19 8.06
CA GLY A 254 -10.04 20.77 7.18
C GLY A 254 -10.26 19.89 5.98
N ILE A 255 -11.30 20.22 5.22
CA ILE A 255 -11.70 19.59 3.98
C ILE A 255 -11.98 20.67 2.92
N ASP A 256 -11.29 20.57 1.77
CA ASP A 256 -11.52 21.47 0.65
C ASP A 256 -10.97 20.83 -0.62
N ASN A 257 -10.71 21.66 -1.62
CA ASN A 257 -10.29 21.17 -2.90
C ASN A 257 -8.96 20.46 -2.87
N THR A 258 -8.12 20.75 -1.88
CA THR A 258 -6.82 20.06 -1.77
C THR A 258 -6.59 19.26 -0.48
N HIS A 259 -7.66 19.03 0.27
CA HIS A 259 -7.56 18.42 1.59
C HIS A 259 -8.66 17.39 1.77
N ASN A 260 -8.26 16.14 2.06
CA ASN A 260 -9.19 15.05 2.43
C ASN A 260 -8.66 14.48 3.76
N PRO A 261 -9.59 14.01 4.64
CA PRO A 261 -9.20 13.53 5.97
C PRO A 261 -8.22 12.36 5.95
N GLU A 262 -8.24 11.56 4.90
CA GLU A 262 -7.20 10.56 4.71
C GLU A 262 -6.68 10.71 3.31
N PHE A 263 -5.37 10.63 3.16
CA PHE A 263 -4.78 10.78 1.85
C PHE A 263 -3.54 9.94 1.78
N THR A 264 -2.94 9.93 0.58
CA THR A 264 -1.89 8.97 0.33
C THR A 264 -0.56 9.70 0.13
N SER A 265 0.41 9.38 0.97
CA SER A 265 1.72 9.95 0.87
C SER A 265 2.75 8.87 0.59
N CYS A 266 3.82 9.28 -0.07
CA CYS A 266 5.06 8.49 -0.18
C CYS A 266 6.15 9.27 0.53
N GLU A 267 6.80 8.59 1.49
CA GLU A 267 7.99 9.12 2.11
C GLU A 267 9.12 8.12 1.95
N PHE A 268 10.32 8.61 1.66
CA PHE A 268 11.52 7.79 1.71
C PHE A 268 12.59 8.47 2.54
N TYR A 269 13.53 7.63 3.01
CA TYR A 269 14.75 8.09 3.64
C TYR A 269 15.91 7.39 2.95
N TRP A 270 16.97 8.17 2.74
CA TRP A 270 18.08 7.83 1.89
C TRP A 270 19.36 8.20 2.62
N ALA A 271 19.99 7.19 3.23
CA ALA A 271 21.23 7.38 3.96
C ALA A 271 22.31 7.96 3.07
N TYR A 272 23.03 8.93 3.64
CA TYR A 272 24.19 9.58 3.02
C TYR A 272 23.81 10.50 1.91
N ALA A 273 22.52 10.72 1.72
CA ALA A 273 22.04 11.69 0.73
C ALA A 273 21.96 13.08 1.31
N ASP A 274 22.23 14.07 0.46
CA ASP A 274 22.22 15.48 0.86
C ASP A 274 21.12 16.26 0.19
N TYR A 275 21.17 17.56 0.42
CA TYR A 275 20.23 18.49 -0.16
C TYR A 275 20.18 18.39 -1.68
N ASN A 276 21.31 18.42 -2.37
CA ASN A 276 21.22 18.41 -3.82
C ASN A 276 20.93 17.03 -4.39
N ASP A 277 21.11 15.98 -3.60
CA ASP A 277 20.60 14.66 -4.00
C ASP A 277 19.06 14.68 -4.08
N LEU A 278 18.43 15.28 -3.09
CA LEU A 278 16.97 15.36 -3.02
C LEU A 278 16.36 16.26 -4.11
N ILE A 279 17.03 17.36 -4.40
CA ILE A 279 16.64 18.26 -5.50
C ILE A 279 16.71 17.52 -6.83
N LYS A 280 17.86 16.89 -7.10
CA LYS A 280 18.01 16.17 -8.36
C LYS A 280 17.01 15.00 -8.45
N TRP A 281 16.80 14.31 -7.32
CA TRP A 281 15.78 13.29 -7.27
C TRP A 281 14.42 13.81 -7.67
N SER A 282 14.02 14.95 -7.13
CA SER A 282 12.69 15.51 -7.42
C SER A 282 12.59 15.90 -8.90
N GLU A 283 13.61 16.57 -9.40
CA GLU A 283 13.62 16.96 -10.80
C GLU A 283 13.60 15.77 -11.73
N ASP A 284 14.38 14.73 -11.39
CA ASP A 284 14.37 13.52 -12.22
C ASP A 284 12.98 12.88 -12.18
N PHE A 285 12.44 12.74 -10.99
CA PHE A 285 11.18 12.04 -10.82
C PHE A 285 10.05 12.69 -11.60
N PHE A 286 9.84 13.97 -11.38
CA PHE A 286 8.71 14.64 -12.02
C PHE A 286 8.86 14.75 -13.52
N SER A 287 10.05 15.08 -14.01
CA SER A 287 10.26 15.17 -15.46
C SER A 287 10.00 13.83 -16.13
N GLN A 288 10.49 12.75 -15.53
CA GLN A 288 10.38 11.46 -16.11
C GLN A 288 8.98 10.90 -15.97
N LEU A 289 8.36 11.10 -14.82
CA LEU A 289 6.98 10.67 -14.62
C LEU A 289 6.05 11.34 -15.67
N VAL A 290 6.19 12.65 -15.82
CA VAL A 290 5.38 13.36 -16.82
C VAL A 290 5.69 12.88 -18.27
N TYR A 291 6.97 12.75 -18.62
CA TYR A 291 7.31 12.26 -19.97
C TYR A 291 6.72 10.84 -20.20
N HIS A 292 6.80 9.99 -19.17
CA HIS A 292 6.24 8.63 -19.22
C HIS A 292 4.75 8.59 -19.51
N LEU A 293 3.99 9.49 -18.90
CA LEU A 293 2.54 9.55 -19.08
C LEU A 293 2.12 10.24 -20.38
N PHE A 294 2.88 11.23 -20.83
CA PHE A 294 2.44 12.09 -21.94
C PHE A 294 3.34 12.13 -23.17
N GLY A 295 4.60 11.77 -23.04
CA GLY A 295 5.52 11.83 -24.18
C GLY A 295 6.01 13.26 -24.41
N THR A 296 5.73 14.15 -23.47
CA THR A 296 6.27 15.51 -23.46
C THR A 296 6.40 15.96 -22.00
N TYR A 297 7.11 17.07 -21.78
CA TYR A 297 7.30 17.61 -20.43
C TYR A 297 6.28 18.70 -20.14
N LYS A 298 5.52 19.08 -21.15
CA LYS A 298 4.54 20.15 -20.97
C LYS A 298 3.16 19.57 -20.91
N ILE A 299 2.35 20.07 -19.99
CA ILE A 299 0.98 19.61 -19.91
C ILE A 299 0.03 20.81 -19.86
N SER A 300 -1.22 20.55 -20.20
CA SER A 300 -2.25 21.53 -20.03
C SER A 300 -2.96 21.30 -18.69
N TYR A 301 -3.27 22.38 -17.98
CA TYR A 301 -3.97 22.32 -16.71
C TYR A 301 -4.97 23.48 -16.52
N ASN A 302 -6.25 23.13 -16.33
CA ASN A 302 -7.30 24.12 -16.07
C ASN A 302 -7.36 24.58 -14.62
N LYS A 303 -6.45 25.45 -14.24
CA LYS A 303 -6.35 25.93 -12.87
C LYS A 303 -7.61 26.62 -12.38
N ASP A 304 -8.20 27.45 -13.24
CA ASP A 304 -9.33 28.31 -12.87
C ASP A 304 -10.61 27.67 -13.36
N GLY A 305 -10.71 26.36 -13.24
CA GLY A 305 -11.92 25.64 -13.67
C GLY A 305 -11.96 25.35 -15.16
N PRO A 306 -12.84 24.41 -15.56
CA PRO A 306 -12.94 24.03 -16.97
C PRO A 306 -13.56 25.11 -17.85
N GLU A 307 -14.30 26.04 -17.26
CA GLU A 307 -14.95 27.08 -18.06
C GLU A 307 -14.00 28.22 -18.43
N ASN A 308 -12.79 28.20 -17.89
CA ASN A 308 -11.80 29.18 -18.25
C ASN A 308 -10.63 28.54 -19.00
N GLN A 309 -9.78 29.39 -19.58
CA GLN A 309 -8.64 28.92 -20.36
C GLN A 309 -7.64 28.20 -19.44
N PRO A 310 -7.02 27.15 -19.96
CA PRO A 310 -6.06 26.48 -19.12
C PRO A 310 -4.74 27.19 -19.26
N ILE A 311 -3.76 26.81 -18.44
CA ILE A 311 -2.39 27.24 -18.62
C ILE A 311 -1.51 26.04 -18.94
N GLU A 312 -0.25 26.29 -19.23
CA GLU A 312 0.66 25.23 -19.53
C GLU A 312 1.71 25.11 -18.43
N ILE A 313 1.87 23.91 -17.88
CA ILE A 313 2.86 23.66 -16.86
C ILE A 313 3.98 22.90 -17.53
N ASP A 314 5.18 23.47 -17.47
CA ASP A 314 6.35 22.89 -18.10
C ASP A 314 7.20 22.18 -17.05
N PHE A 315 7.27 20.86 -17.14
CA PHE A 315 8.03 20.06 -16.19
C PHE A 315 9.49 19.80 -16.60
N THR A 316 9.98 20.56 -17.58
CA THR A 316 11.39 20.45 -18.00
C THR A 316 12.36 20.92 -16.93
N PRO A 317 13.27 20.05 -16.47
CA PRO A 317 14.18 20.44 -15.41
C PRO A 317 15.33 21.27 -15.96
N PRO A 318 15.97 22.11 -15.15
CA PRO A 318 15.79 22.25 -13.71
C PRO A 318 14.60 23.18 -13.35
N TYR A 319 14.22 23.22 -12.08
CA TYR A 319 13.15 24.09 -11.62
C TYR A 319 13.70 25.19 -10.73
N PRO A 320 13.06 26.37 -10.72
CA PRO A 320 13.55 27.47 -9.90
C PRO A 320 13.57 27.15 -8.42
N LYS A 321 14.59 27.67 -7.72
CA LYS A 321 14.70 27.59 -6.27
C LYS A 321 14.65 28.99 -5.64
N VAL A 322 13.70 29.22 -4.76
CA VAL A 322 13.54 30.52 -4.09
C VAL A 322 13.73 30.41 -2.58
N SER A 323 14.71 31.12 -2.04
CA SER A 323 15.07 31.09 -0.62
C SER A 323 14.04 31.90 0.18
N ILE A 324 13.27 31.24 1.04
CA ILE A 324 12.07 31.87 1.61
C ILE A 324 12.31 33.19 2.38
N VAL A 325 13.24 33.20 3.33
CA VAL A 325 13.46 34.38 4.15
C VAL A 325 13.97 35.59 3.33
N GLU A 326 15.00 35.33 2.53
CA GLU A 326 15.63 36.33 1.67
C GLU A 326 14.58 36.98 0.77
N GLU A 327 13.72 36.14 0.18
CA GLU A 327 12.68 36.62 -0.72
C GLU A 327 11.59 37.38 0.02
N ILE A 328 11.18 36.91 1.19
CA ILE A 328 10.21 37.67 1.96
C ILE A 328 10.77 39.06 2.28
N GLU A 329 11.98 39.11 2.82
CA GLU A 329 12.65 40.36 3.15
C GLU A 329 12.71 41.29 1.96
N LYS A 330 13.18 40.76 0.83
CA LYS A 330 13.32 41.57 -0.37
C LYS A 330 12.00 42.23 -0.75
N VAL A 331 10.98 41.41 -1.03
CA VAL A 331 9.77 41.93 -1.61
C VAL A 331 8.96 42.75 -0.61
N THR A 332 9.22 42.58 0.68
CA THR A 332 8.56 43.41 1.70
C THR A 332 9.49 44.46 2.26
N ASN A 333 10.69 44.59 1.68
CA ASN A 333 11.72 45.54 2.17
C ASN A 333 11.79 45.66 3.65
N THR A 334 11.79 44.52 4.34
CA THR A 334 11.77 44.46 5.79
C THR A 334 12.60 43.29 6.25
N ILE A 335 13.61 43.58 7.06
CA ILE A 335 14.49 42.54 7.58
C ILE A 335 13.80 41.82 8.73
N LEU A 336 13.95 40.50 8.76
CA LEU A 336 13.37 39.68 9.82
C LEU A 336 14.48 39.15 10.72
N GLU A 337 14.73 39.90 11.78
CA GLU A 337 15.87 39.64 12.65
C GLU A 337 15.69 38.32 13.37
N GLN A 338 16.74 37.52 13.38
CA GLN A 338 16.72 36.29 14.16
C GLN A 338 16.89 36.63 15.63
N PRO A 339 16.25 35.87 16.53
CA PRO A 339 15.42 34.71 16.22
C PRO A 339 14.05 35.13 15.69
N PHE A 340 13.54 34.39 14.72
CA PHE A 340 12.21 34.69 14.15
C PHE A 340 11.13 34.49 15.23
N ASP A 341 11.50 33.75 16.27
CA ASP A 341 10.69 33.51 17.47
C ASP A 341 10.41 34.73 18.34
N SER A 342 11.30 35.73 18.28
CA SER A 342 11.26 36.85 19.23
C SER A 342 9.95 37.62 19.13
N ASN A 343 9.61 38.33 20.20
CA ASN A 343 8.38 39.10 20.20
C ASN A 343 8.47 40.17 19.13
N GLU A 344 9.67 40.71 18.93
CA GLU A 344 9.88 41.82 18.05
C GLU A 344 9.71 41.40 16.60
N THR A 345 10.30 40.28 16.21
CA THR A 345 10.15 39.78 14.83
C THR A 345 8.75 39.24 14.53
N ILE A 346 8.08 38.72 15.57
CA ILE A 346 6.70 38.27 15.41
C ILE A 346 5.80 39.48 15.16
N GLU A 347 5.96 40.53 15.95
CA GLU A 347 5.18 41.75 15.69
C GLU A 347 5.47 42.34 14.31
N LYS A 348 6.74 42.37 13.94
CA LYS A 348 7.13 42.80 12.60
C LYS A 348 6.39 42.00 11.52
N MET A 349 6.29 40.70 11.71
CA MET A 349 5.62 39.85 10.71
C MET A 349 4.11 40.09 10.71
N ILE A 350 3.53 40.18 11.90
CA ILE A 350 2.11 40.52 12.06
C ILE A 350 1.78 41.85 11.40
N ASN A 351 2.68 42.82 11.57
CA ASN A 351 2.56 44.13 10.93
C ASN A 351 2.55 44.06 9.42
N ILE A 352 3.48 43.30 8.86
CA ILE A 352 3.51 43.14 7.41
C ILE A 352 2.19 42.55 6.95
N ILE A 353 1.72 41.56 7.69
CA ILE A 353 0.45 40.90 7.38
C ILE A 353 -0.73 41.89 7.51
N LYS A 354 -0.71 42.69 8.57
CA LYS A 354 -1.75 43.69 8.79
C LYS A 354 -1.81 44.71 7.65
N GLU A 355 -0.68 45.30 7.31
CA GLU A 355 -0.58 46.26 6.21
C GLU A 355 -1.08 45.73 4.89
N HIS A 356 -0.79 44.48 4.59
CA HIS A 356 -1.16 43.89 3.29
C HIS A 356 -2.55 43.24 3.30
N LYS A 357 -3.25 43.34 4.43
CA LYS A 357 -4.60 42.80 4.53
C LYS A 357 -4.64 41.29 4.28
N ILE A 358 -3.55 40.60 4.65
CA ILE A 358 -3.42 39.14 4.55
C ILE A 358 -4.01 38.48 5.79
N GLU A 359 -4.70 37.36 5.65
CA GLU A 359 -5.34 36.74 6.80
C GLU A 359 -4.34 36.30 7.88
N LEU A 360 -4.59 36.70 9.11
CA LEU A 360 -3.78 36.27 10.25
C LEU A 360 -4.13 34.84 10.68
N PRO A 361 -3.14 33.92 10.65
CA PRO A 361 -3.22 32.45 10.78
C PRO A 361 -3.93 31.77 11.95
N ASN A 362 -3.82 32.28 13.17
CA ASN A 362 -4.40 31.57 14.34
C ASN A 362 -3.89 30.12 14.65
N PRO A 363 -3.09 29.97 15.72
CA PRO A 363 -2.50 31.08 16.45
C PRO A 363 -1.40 31.73 15.61
N PRO A 364 -1.08 33.01 15.91
CA PRO A 364 -0.09 33.72 15.11
C PRO A 364 1.32 33.38 15.54
N THR A 365 1.71 32.10 15.42
CA THR A 365 3.08 31.72 15.81
C THR A 365 4.00 32.11 14.68
N ALA A 366 5.29 32.15 14.99
CA ALA A 366 6.28 32.60 14.01
C ALA A 366 6.28 31.70 12.77
N ALA A 367 6.23 30.39 12.99
CA ALA A 367 6.12 29.44 11.89
C ALA A 367 4.92 29.72 10.99
N LYS A 368 3.74 29.91 11.60
CA LYS A 368 2.53 30.15 10.83
C LYS A 368 2.56 31.50 10.11
N LEU A 369 3.14 32.51 10.76
CA LEU A 369 3.31 33.82 10.10
C LEU A 369 4.19 33.70 8.86
N LEU A 370 5.35 33.06 9.00
CA LEU A 370 6.29 32.87 7.89
C LEU A 370 5.66 32.09 6.74
N ASP A 371 4.88 31.09 7.11
CA ASP A 371 4.21 30.27 6.14
C ASP A 371 3.17 31.07 5.36
N GLN A 372 2.42 31.88 6.07
CA GLN A 372 1.44 32.74 5.43
C GLN A 372 2.12 33.75 4.50
N LEU A 373 3.22 34.30 4.99
CA LEU A 373 4.01 35.23 4.19
C LEU A 373 4.50 34.57 2.90
N ALA A 374 4.97 33.34 3.01
CA ALA A 374 5.43 32.61 1.82
C ALA A 374 4.29 32.40 0.85
N SER A 375 3.13 32.03 1.40
CA SER A 375 1.93 31.79 0.60
C SER A 375 1.51 33.03 -0.19
N HIS A 376 1.56 34.20 0.45
CA HIS A 376 1.08 35.41 -0.20
C HIS A 376 2.09 36.01 -1.15
N PHE A 377 3.38 35.97 -0.79
CA PHE A 377 4.40 36.68 -1.55
C PHE A 377 5.27 35.81 -2.46
N ILE A 378 5.23 34.48 -2.31
CA ILE A 378 6.08 33.62 -3.15
C ILE A 378 5.34 32.55 -3.97
N GLU A 379 4.49 31.77 -3.30
CA GLU A 379 3.88 30.56 -3.87
C GLU A 379 3.07 30.82 -5.12
N ASN A 380 2.46 32.00 -5.20
CA ASN A 380 1.56 32.40 -6.29
C ASN A 380 2.18 32.69 -7.66
N LYS A 381 3.49 32.98 -7.70
CA LYS A 381 4.10 33.61 -8.87
C LYS A 381 4.73 32.67 -9.93
N TYR A 382 4.55 31.37 -9.78
CA TYR A 382 5.15 30.41 -10.69
C TYR A 382 4.13 29.36 -11.10
N ASN A 383 3.16 29.74 -11.92
CA ASN A 383 2.16 28.78 -12.38
C ASN A 383 2.58 28.01 -13.64
N ASP A 384 3.57 28.52 -14.35
CA ASP A 384 3.91 27.90 -15.62
C ASP A 384 4.92 26.77 -15.40
N LYS A 385 5.34 26.58 -14.15
CA LYS A 385 6.37 25.57 -13.87
C LYS A 385 6.36 25.17 -12.39
N PRO A 386 6.72 23.92 -12.10
CA PRO A 386 6.91 23.55 -10.71
C PRO A 386 8.09 24.31 -10.14
N PHE A 387 8.07 24.61 -8.84
CA PHE A 387 9.25 25.26 -8.25
C PHE A 387 9.48 24.93 -6.77
N PHE A 388 10.72 25.18 -6.33
CA PHE A 388 11.12 24.91 -4.96
C PHE A 388 11.23 26.16 -4.08
N ILE A 389 10.64 26.09 -2.89
CA ILE A 389 10.93 27.05 -1.83
C ILE A 389 11.92 26.32 -0.90
N VAL A 390 13.02 26.98 -0.54
CA VAL A 390 14.12 26.25 0.07
C VAL A 390 14.68 27.02 1.24
N GLU A 391 15.47 26.34 2.06
CA GLU A 391 16.19 27.01 3.14
C GLU A 391 15.25 27.63 4.22
N HIS A 392 14.22 26.87 4.58
CA HIS A 392 13.29 27.27 5.62
C HIS A 392 14.00 27.42 6.94
N PRO A 393 13.58 28.41 7.74
CA PRO A 393 14.01 28.57 9.12
C PRO A 393 13.86 27.32 9.94
N GLN A 394 14.77 27.10 10.88
CA GLN A 394 14.68 25.97 11.80
C GLN A 394 13.40 25.95 12.61
N ILE A 395 12.88 27.11 12.96
CA ILE A 395 11.61 27.15 13.71
C ILE A 395 10.41 26.59 12.93
N MET A 396 10.50 26.57 11.59
CA MET A 396 9.49 25.94 10.74
C MET A 396 9.74 24.44 10.59
N SER A 397 10.96 23.98 10.81
CA SER A 397 11.39 22.62 10.44
C SER A 397 12.21 21.92 11.53
N PRO A 398 11.58 21.58 12.63
CA PRO A 398 12.34 21.14 13.81
C PRO A 398 13.17 19.84 13.61
N LEU A 399 12.83 19.02 12.61
CA LEU A 399 13.54 17.76 12.33
C LEU A 399 14.61 17.89 11.25
N ALA A 400 14.72 19.07 10.63
CA ALA A 400 15.71 19.31 9.58
C ALA A 400 17.06 19.71 10.15
N LYS A 401 18.13 19.28 9.47
CA LYS A 401 19.50 19.65 9.80
C LYS A 401 19.81 21.12 9.53
N TYR A 402 20.67 21.71 10.37
CA TYR A 402 21.17 23.11 10.20
C TYR A 402 21.87 23.34 8.86
N HIS A 403 21.60 24.49 8.26
CA HIS A 403 22.24 24.90 7.03
C HIS A 403 23.72 25.10 7.29
N ARG A 404 24.56 24.52 6.43
CA ARG A 404 26.02 24.59 6.55
C ARG A 404 26.61 25.98 6.69
N THR A 405 25.88 26.98 6.21
CA THR A 405 26.44 28.28 5.90
C THR A 405 25.49 29.44 6.24
N LYS A 406 24.19 29.17 6.37
CA LYS A 406 23.23 30.19 6.74
C LYS A 406 22.64 29.90 8.11
N PRO A 407 23.21 30.52 9.15
CA PRO A 407 22.73 30.36 10.52
C PRO A 407 21.23 30.58 10.61
N GLY A 408 20.55 29.79 11.44
CA GLY A 408 19.12 29.89 11.62
C GLY A 408 18.28 29.15 10.61
N LEU A 409 18.85 28.86 9.44
CA LEU A 409 18.12 28.20 8.38
C LEU A 409 18.39 26.69 8.36
N THR A 410 17.69 26.01 7.45
CA THR A 410 17.88 24.59 7.22
C THR A 410 18.16 24.33 5.76
N GLU A 411 18.33 23.05 5.44
CA GLU A 411 18.56 22.61 4.07
C GLU A 411 17.28 21.90 3.63
N ARG A 412 16.21 22.68 3.56
CA ARG A 412 14.91 22.13 3.29
C ARG A 412 14.49 22.55 1.92
N LEU A 413 13.69 21.71 1.27
CA LEU A 413 13.09 22.07 0.00
C LEU A 413 11.68 21.58 -0.05
N GLU A 414 10.82 22.36 -0.69
CA GLU A 414 9.43 22.09 -0.72
C GLU A 414 8.94 22.51 -2.12
N MET A 415 8.29 21.58 -2.82
CA MET A 415 7.95 21.83 -4.22
C MET A 415 6.48 22.16 -4.38
N PHE A 416 6.22 23.22 -5.16
CA PHE A 416 4.87 23.65 -5.49
C PHE A 416 4.57 23.47 -6.96
N ILE A 417 3.33 23.08 -7.23
CA ILE A 417 2.75 23.10 -8.56
C ILE A 417 1.50 23.94 -8.48
N CYS A 418 1.46 25.03 -9.24
CA CYS A 418 0.33 25.99 -9.22
C CYS A 418 -0.07 26.45 -7.84
N GLY A 419 0.90 26.80 -7.01
CA GLY A 419 0.59 27.27 -5.68
C GLY A 419 0.25 26.23 -4.63
N LYS A 420 0.37 24.95 -4.96
CA LYS A 420 0.01 23.88 -4.03
C LYS A 420 1.22 23.00 -3.77
N GLU A 421 1.48 22.77 -2.48
CA GLU A 421 2.55 21.92 -2.01
C GLU A 421 2.36 20.46 -2.40
N VAL A 422 3.36 19.87 -3.04
CA VAL A 422 3.30 18.44 -3.38
C VAL A 422 4.48 17.64 -2.86
N LEU A 423 5.51 18.32 -2.40
CA LEU A 423 6.75 17.65 -2.02
C LEU A 423 7.38 18.43 -0.90
N ASN A 424 7.95 17.73 0.05
CA ASN A 424 8.71 18.34 1.12
C ASN A 424 9.85 17.39 1.53
N ALA A 425 11.07 17.94 1.52
CA ALA A 425 12.29 17.18 1.70
C ALA A 425 13.34 17.96 2.49
N TYR A 426 14.21 17.24 3.20
CA TYR A 426 15.36 17.84 3.88
C TYR A 426 16.38 16.83 4.45
N THR A 427 17.62 17.30 4.63
CA THR A 427 18.61 16.59 5.42
C THR A 427 18.05 16.48 6.83
N GLU A 428 18.12 15.30 7.42
CA GLU A 428 17.66 15.12 8.79
C GLU A 428 18.68 15.59 9.83
N LEU A 429 18.22 16.40 10.76
CA LEU A 429 19.00 16.65 11.95
C LEU A 429 19.25 15.31 12.63
N ASN A 430 20.51 14.99 12.91
CA ASN A 430 20.80 13.68 13.52
C ASN A 430 21.57 13.75 14.83
N ASP A 431 22.06 14.94 15.18
CA ASP A 431 22.73 15.15 16.46
C ASP A 431 21.66 15.17 17.56
N PRO A 432 21.64 14.17 18.44
CA PRO A 432 20.58 14.20 19.45
C PRO A 432 20.72 15.37 20.43
N PHE A 433 21.89 16.00 20.51
CA PHE A 433 22.09 17.15 21.39
C PHE A 433 21.67 18.45 20.77
N LYS A 434 21.51 18.47 19.44
CA LYS A 434 20.92 19.63 18.74
C LYS A 434 19.42 19.47 18.55
N GLN A 435 18.88 18.32 18.95
CA GLN A 435 17.44 18.10 18.86
C GLN A 435 16.73 18.85 19.96
N LYS A 436 16.20 20.02 19.61
CA LYS A 436 15.43 20.88 20.52
C LYS A 436 14.69 20.05 21.53
N GLU A 437 13.81 19.20 21.00
CA GLU A 437 12.92 18.36 21.82
C GLU A 437 13.53 17.03 22.29
N CYS A 438 14.87 16.91 22.24
CA CYS A 438 15.61 15.84 22.92
C CYS A 438 16.45 16.41 24.06
N PHE A 439 16.50 17.73 24.17
CA PHE A 439 17.13 18.39 25.33
C PHE A 439 16.26 18.20 26.58
N LYS A 440 15.01 17.82 26.38
CA LYS A 440 14.09 17.43 27.46
C LYS A 440 13.50 16.04 27.19
N LEU A 441 14.37 15.06 26.92
CA LEU A 441 13.96 13.67 26.69
C LEU A 441 14.10 12.85 27.97
N ALA A 459 10.83 7.58 22.10
CA ALA A 459 11.32 6.42 21.36
C ALA A 459 12.25 6.83 20.20
N PHE A 460 11.95 7.96 19.57
CA PHE A 460 12.77 8.45 18.48
C PHE A 460 14.03 9.14 19.00
N CYS A 461 13.92 9.90 20.08
CA CYS A 461 15.09 10.51 20.73
C CYS A 461 16.14 9.46 21.07
N THR A 462 15.66 8.36 21.63
CA THR A 462 16.48 7.24 21.95
C THR A 462 17.17 6.69 20.69
N SER A 463 16.38 6.46 19.62
CA SER A 463 16.94 6.04 18.33
C SER A 463 18.17 6.80 17.93
N LEU A 464 18.08 8.11 18.01
CA LEU A 464 19.19 8.97 17.55
C LEU A 464 20.43 8.70 18.38
N GLU A 465 20.24 8.34 19.64
CA GLU A 465 21.36 8.05 20.54
C GLU A 465 22.15 6.83 20.07
N TYR A 466 21.54 6.00 19.23
CA TYR A 466 22.27 4.85 18.70
C TYR A 466 23.02 5.17 17.41
N GLY A 467 22.69 6.33 16.82
CA GLY A 467 23.43 6.85 15.68
C GLY A 467 22.69 6.77 14.36
N LEU A 468 22.05 7.88 14.00
CA LEU A 468 21.45 8.02 12.68
C LEU A 468 22.51 8.59 11.77
N PRO A 469 22.85 7.90 10.68
CA PRO A 469 23.79 8.49 9.75
C PRO A 469 23.21 9.76 9.14
N PRO A 470 24.07 10.62 8.54
CA PRO A 470 23.52 11.69 7.75
C PRO A 470 22.53 11.09 6.75
N THR A 471 21.39 11.74 6.59
CA THR A 471 20.28 11.19 5.86
C THR A 471 19.46 12.28 5.14
N GLY A 472 19.02 12.00 3.94
CA GLY A 472 18.05 12.86 3.24
C GLY A 472 16.69 12.16 3.17
N GLY A 473 15.64 12.85 3.59
CA GLY A 473 14.30 12.29 3.46
C GLY A 473 13.37 13.20 2.67
N LEU A 474 12.26 12.63 2.22
CA LEU A 474 11.40 13.30 1.27
C LEU A 474 10.03 12.68 1.34
N GLY A 475 9.01 13.51 1.27
CA GLY A 475 7.66 13.04 1.14
C GLY A 475 6.92 13.63 -0.07
N LEU A 476 6.04 12.81 -0.65
CA LEU A 476 5.18 13.19 -1.77
C LEU A 476 3.72 13.07 -1.41
N GLY A 477 2.92 13.98 -1.92
CA GLY A 477 1.48 13.94 -1.74
C GLY A 477 0.87 13.36 -3.00
N ILE A 478 0.65 12.05 -3.01
CA ILE A 478 0.24 11.33 -4.23
C ILE A 478 -1.04 11.86 -4.87
N ASP A 479 -2.01 12.21 -4.04
CA ASP A 479 -3.32 12.66 -4.55
C ASP A 479 -3.21 13.96 -5.31
N ARG A 480 -2.48 14.91 -4.73
CA ARG A 480 -2.33 16.23 -5.32
C ARG A 480 -1.58 16.11 -6.62
N ILE A 481 -0.56 15.28 -6.65
CA ILE A 481 0.18 15.06 -7.89
C ILE A 481 -0.78 14.56 -8.97
N THR A 482 -1.62 13.58 -8.61
CA THR A 482 -2.61 13.01 -9.52
C THR A 482 -3.54 14.09 -10.08
N MET A 483 -3.99 15.00 -9.21
CA MET A 483 -4.85 16.09 -9.65
C MET A 483 -4.20 16.85 -10.80
N PHE A 484 -2.93 17.18 -10.68
CA PHE A 484 -2.31 17.99 -11.72
C PHE A 484 -2.12 17.21 -12.99
N LEU A 485 -1.86 15.92 -12.87
CA LEU A 485 -1.61 15.10 -14.05
C LEU A 485 -2.88 14.54 -14.68
N THR A 486 -4.01 14.73 -14.05
CA THR A 486 -5.30 14.31 -14.61
C THR A 486 -6.23 15.51 -14.85
N ASN A 487 -5.66 16.71 -14.74
CA ASN A 487 -6.41 17.97 -14.92
C ASN A 487 -7.65 18.09 -14.04
N LYS A 488 -7.52 17.76 -12.75
CA LYS A 488 -8.61 17.95 -11.80
C LYS A 488 -8.28 19.08 -10.86
N ASN A 489 -9.33 19.83 -10.47
CA ASN A 489 -9.27 20.93 -9.50
C ASN A 489 -9.60 20.50 -8.10
N SER A 490 -10.34 19.41 -7.96
CA SER A 490 -10.71 18.89 -6.64
C SER A 490 -10.12 17.52 -6.38
N ILE A 491 -9.72 17.32 -5.13
CA ILE A 491 -9.09 16.07 -4.69
C ILE A 491 -10.12 14.93 -4.65
N LYS A 492 -11.38 15.31 -4.51
CA LYS A 492 -12.47 14.33 -4.52
C LYS A 492 -12.57 13.57 -5.83
N ASP A 493 -12.12 14.18 -6.94
CA ASP A 493 -12.12 13.51 -8.24
C ASP A 493 -10.91 12.57 -8.47
N VAL A 494 -10.00 12.47 -7.50
CA VAL A 494 -8.87 11.53 -7.68
C VAL A 494 -8.80 10.48 -6.57
N ILE A 495 -9.78 10.52 -5.68
CA ILE A 495 -10.00 9.51 -4.65
C ILE A 495 -11.32 8.80 -4.94
N LEU A 496 -11.31 7.48 -4.97
CA LEU A 496 -12.48 6.71 -5.41
C LEU A 496 -13.70 6.96 -4.52
N PHE A 497 -13.47 6.98 -3.22
CA PHE A 497 -14.52 7.28 -2.22
C PHE A 497 -14.09 8.37 -1.22
N PRO A 498 -14.19 9.64 -1.62
CA PRO A 498 -13.70 10.71 -0.75
C PRO A 498 -14.63 10.76 0.42
N THR A 499 -14.17 11.20 1.58
CA THR A 499 -14.92 10.90 2.78
C THR A 499 -16.02 11.97 2.94
N MET A 500 -17.24 11.54 3.25
CA MET A 500 -18.33 12.50 3.39
C MET A 500 -19.41 12.12 4.39
N ARG A 501 -20.24 13.12 4.73
CA ARG A 501 -21.37 12.91 5.62
C ARG A 501 -22.31 11.97 4.91
N PRO A 502 -23.09 11.20 5.68
CA PRO A 502 -24.10 10.32 5.06
C PRO A 502 -25.16 11.12 4.27
N ALA A 503 -25.50 12.30 4.76
CA ALA A 503 -26.55 13.10 4.16
C ALA A 503 -27.85 12.28 3.96
N PRO B 1 27.74 0.73 32.50
CA PRO B 1 26.28 0.84 32.63
C PRO B 1 25.70 2.14 32.02
N ARG B 2 25.07 2.99 32.85
CA ARG B 2 24.62 4.31 32.44
C ARG B 2 25.78 5.30 32.37
N LEU B 3 26.90 4.88 32.93
CA LEU B 3 28.12 5.66 32.90
C LEU B 3 28.67 5.72 31.46
N TYR B 4 28.46 4.66 30.70
CA TYR B 4 28.91 4.59 29.32
C TYR B 4 28.33 5.74 28.51
N PHE B 5 27.02 5.83 28.50
CA PHE B 5 26.30 6.88 27.82
C PHE B 5 26.77 8.27 28.20
N GLU B 6 26.99 8.49 29.49
CA GLU B 6 27.31 9.84 29.92
C GLU B 6 28.73 10.21 29.51
N ASN B 7 29.64 9.25 29.55
CA ASN B 7 31.00 9.54 29.10
C ASN B 7 31.02 9.83 27.60
N ARG B 8 30.22 9.08 26.86
CA ARG B 8 30.12 9.26 25.43
C ARG B 8 29.51 10.61 25.09
N SER B 9 28.52 11.06 25.85
CA SER B 9 27.96 12.39 25.64
C SER B 9 29.01 13.46 25.89
N LYS B 10 29.93 13.19 26.82
CA LYS B 10 31.01 14.10 27.14
C LYS B 10 32.04 14.10 26.01
N PHE B 11 32.28 12.95 25.42
CA PHE B 11 33.15 12.87 24.25
C PHE B 11 32.63 13.78 23.14
N ILE B 12 31.33 13.70 22.89
CA ILE B 12 30.69 14.47 21.84
C ILE B 12 30.87 15.99 22.04
N GLN B 13 30.66 16.48 23.25
CA GLN B 13 30.87 17.92 23.49
C GLN B 13 32.36 18.31 23.43
N ASP B 14 33.23 17.38 23.84
CA ASP B 14 34.67 17.62 23.80
C ASP B 14 35.19 17.80 22.38
N GLN B 15 34.78 16.90 21.49
CA GLN B 15 35.14 17.01 20.08
C GLN B 15 34.72 18.37 19.54
N LYS B 16 33.51 18.80 19.91
CA LYS B 16 32.98 20.08 19.45
C LYS B 16 33.82 21.24 19.96
N ASP B 17 34.22 21.18 21.23
CA ASP B 17 35.10 22.19 21.81
C ASP B 17 36.48 22.21 21.19
N LYS B 18 36.97 21.08 20.69
CA LYS B 18 38.24 21.03 19.95
C LYS B 18 38.05 21.45 18.48
N GLY B 19 36.82 21.83 18.11
CA GLY B 19 36.49 22.19 16.73
C GLY B 19 36.23 21.05 15.76
N ILE B 20 35.95 19.85 16.28
CA ILE B 20 35.59 18.73 15.42
C ILE B 20 34.09 18.49 15.40
N ASN B 21 33.51 18.48 14.21
CA ASN B 21 32.08 18.18 14.04
C ASN B 21 31.85 16.66 14.01
N PRO B 22 31.33 16.11 15.11
CA PRO B 22 31.15 14.67 15.17
C PRO B 22 29.92 14.21 14.39
N TYR B 23 29.05 15.14 13.98
CA TYR B 23 27.95 14.86 13.04
C TYR B 23 28.03 15.73 11.78
N PRO B 24 29.02 15.48 10.90
CA PRO B 24 29.19 16.35 9.72
C PRO B 24 28.02 16.33 8.78
N HIS B 25 27.86 17.38 8.00
CA HIS B 25 26.70 17.50 7.13
C HIS B 25 26.66 16.45 6.02
N LYS B 26 27.75 16.37 5.26
CA LYS B 26 27.78 15.49 4.09
C LYS B 26 29.09 14.71 4.04
N PHE B 27 28.99 13.44 3.67
CA PHE B 27 30.15 12.65 3.30
C PHE B 27 29.79 11.93 2.02
N GLU B 28 30.48 12.24 0.93
CA GLU B 28 30.17 11.67 -0.36
C GLU B 28 30.88 10.34 -0.47
N ARG B 29 30.11 9.28 -0.65
CA ARG B 29 30.69 7.95 -0.80
C ARG B 29 30.57 7.53 -2.24
N THR B 30 31.48 6.66 -2.67
CA THR B 30 31.62 6.36 -4.09
C THR B 30 31.25 4.90 -4.38
N ILE B 31 30.98 4.16 -3.32
CA ILE B 31 30.75 2.72 -3.42
C ILE B 31 30.10 2.23 -2.13
N SER B 32 29.16 1.31 -2.27
CA SER B 32 28.50 0.71 -1.13
C SER B 32 29.23 -0.55 -0.69
N ILE B 33 28.93 -1.03 0.50
CA ILE B 33 29.63 -2.22 0.97
C ILE B 33 29.32 -3.46 0.13
N PRO B 34 28.04 -3.69 -0.22
CA PRO B 34 27.79 -4.87 -1.10
C PRO B 34 28.49 -4.75 -2.47
N GLU B 35 28.53 -3.55 -3.02
CA GLU B 35 29.21 -3.24 -4.26
C GLU B 35 30.72 -3.39 -4.14
N PHE B 36 31.26 -2.99 -2.99
CA PHE B 36 32.67 -3.23 -2.67
C PHE B 36 33.01 -4.71 -2.71
N ILE B 37 32.18 -5.49 -2.02
CA ILE B 37 32.40 -6.93 -1.89
C ILE B 37 32.33 -7.63 -3.25
N GLU B 38 31.35 -7.26 -4.06
CA GLU B 38 31.16 -7.90 -5.35
C GLU B 38 32.31 -7.57 -6.30
N LYS B 39 32.85 -6.36 -6.18
CA LYS B 39 33.85 -5.88 -7.11
C LYS B 39 35.27 -6.28 -6.74
N TYR B 40 35.51 -6.57 -5.47
CA TYR B 40 36.87 -6.88 -5.03
C TYR B 40 37.02 -8.22 -4.35
N LYS B 41 36.01 -9.08 -4.40
CA LYS B 41 36.11 -10.38 -3.72
C LYS B 41 37.16 -11.28 -4.36
N ASP B 42 37.55 -11.01 -5.60
CA ASP B 42 38.46 -11.93 -6.30
C ASP B 42 39.94 -11.50 -6.31
N LEU B 43 40.31 -10.52 -5.49
CA LEU B 43 41.71 -10.17 -5.34
C LEU B 43 42.50 -11.34 -4.73
N GLY B 44 43.81 -11.34 -4.93
CA GLY B 44 44.67 -12.37 -4.37
C GLY B 44 44.92 -12.06 -2.91
N ASN B 45 45.38 -13.06 -2.15
CA ASN B 45 45.80 -12.86 -0.77
C ASN B 45 46.84 -11.75 -0.68
N GLY B 46 46.63 -10.80 0.21
CA GLY B 46 47.58 -9.72 0.37
C GLY B 46 47.59 -8.72 -0.78
N GLU B 47 46.84 -9.01 -1.83
CA GLU B 47 46.83 -8.13 -3.01
C GLU B 47 46.28 -6.73 -2.63
N HIS B 48 46.66 -5.73 -3.39
CA HIS B 48 46.40 -4.38 -2.98
C HIS B 48 46.23 -3.48 -4.19
N LEU B 49 45.25 -2.58 -4.15
CA LEU B 49 45.01 -1.66 -5.27
C LEU B 49 45.12 -0.21 -4.81
N GLU B 50 46.34 0.16 -4.38
CA GLU B 50 46.59 1.41 -3.68
C GLU B 50 46.28 2.59 -4.52
N ASP B 51 46.27 2.39 -5.83
CA ASP B 51 45.93 3.44 -6.77
C ASP B 51 44.42 3.71 -6.83
N THR B 52 43.62 2.82 -6.27
CA THR B 52 42.17 3.01 -6.28
C THR B 52 41.70 3.62 -4.97
N ILE B 53 41.42 4.91 -5.02
CA ILE B 53 40.90 5.65 -3.88
C ILE B 53 39.39 5.66 -3.83
N LEU B 54 38.85 5.20 -2.69
CA LEU B 54 37.42 5.01 -2.51
C LEU B 54 36.87 5.77 -1.31
N ASN B 55 35.58 6.07 -1.33
CA ASN B 55 34.92 6.61 -0.16
C ASN B 55 33.82 5.66 0.25
N ILE B 56 33.95 5.09 1.43
CA ILE B 56 33.01 4.08 1.89
C ILE B 56 32.49 4.48 3.28
N THR B 57 31.26 4.06 3.60
CA THR B 57 30.67 4.31 4.90
C THR B 57 30.13 3.03 5.43
N GLY B 58 29.89 2.98 6.73
CA GLY B 58 29.33 1.82 7.37
C GLY B 58 29.32 1.98 8.89
N ARG B 59 28.82 0.96 9.58
CA ARG B 59 28.71 0.94 11.01
C ARG B 59 29.79 0.00 11.58
N ILE B 60 30.64 0.56 12.44
CA ILE B 60 31.67 -0.25 13.12
C ILE B 60 30.94 -1.22 14.01
N MET B 61 31.19 -2.50 13.84
CA MET B 61 30.53 -3.49 14.69
C MET B 61 31.51 -4.29 15.55
N ARG B 62 32.81 -4.19 15.25
CA ARG B 62 33.85 -4.82 16.06
C ARG B 62 35.11 -3.97 16.18
N VAL B 63 35.55 -3.74 17.41
CA VAL B 63 36.83 -3.07 17.66
C VAL B 63 37.86 -4.11 18.10
N SER B 64 38.86 -4.36 17.27
CA SER B 64 39.76 -5.48 17.49
C SER B 64 41.05 -4.98 18.10
N ALA B 65 42.17 -5.58 17.72
CA ALA B 65 43.47 -5.30 18.37
C ALA B 65 43.97 -3.86 18.14
N SER B 66 44.34 -3.18 19.23
CA SER B 66 44.97 -1.85 19.14
C SER B 66 46.23 -1.95 18.28
N GLY B 67 47.36 -2.22 18.89
CA GLY B 67 48.54 -2.53 18.12
C GLY B 67 49.33 -1.38 17.55
N GLN B 68 49.03 -0.15 17.97
CA GLN B 68 49.94 0.99 17.77
C GLN B 68 50.21 1.41 16.30
N LYS B 69 50.33 0.43 15.41
CA LYS B 69 50.55 0.68 14.00
C LYS B 69 49.52 -0.01 13.09
N LEU B 70 48.80 -1.00 13.63
CA LEU B 70 47.77 -1.74 12.90
C LEU B 70 46.45 -1.83 13.69
N ARG B 71 45.39 -1.16 13.21
CA ARG B 71 44.06 -1.30 13.82
C ARG B 71 43.07 -2.10 12.94
N PHE B 72 42.27 -2.96 13.56
CA PHE B 72 41.30 -3.84 12.87
C PHE B 72 39.86 -3.58 13.34
N PHE B 73 38.93 -3.43 12.39
CA PHE B 73 37.52 -3.31 12.72
C PHE B 73 36.65 -4.13 11.78
N ASP B 74 35.42 -4.39 12.19
CA ASP B 74 34.39 -4.88 11.26
C ASP B 74 33.51 -3.72 10.88
N LEU B 75 33.18 -3.63 9.59
CA LEU B 75 32.34 -2.55 9.05
C LEU B 75 31.15 -3.13 8.29
N VAL B 76 29.93 -2.84 8.75
CA VAL B 76 28.74 -3.39 8.08
C VAL B 76 27.90 -2.33 7.39
N GLY B 77 27.25 -2.75 6.33
CA GLY B 77 26.28 -1.95 5.61
C GLY B 77 25.38 -2.84 4.77
N ASP B 78 24.09 -2.49 4.74
CA ASP B 78 23.09 -3.23 3.97
C ASP B 78 23.18 -4.74 4.24
N GLY B 79 23.47 -5.09 5.49
CA GLY B 79 23.49 -6.48 5.92
C GLY B 79 24.73 -7.22 5.49
N GLU B 80 25.74 -6.53 5.00
CA GLU B 80 26.99 -7.22 4.61
C GLU B 80 28.17 -6.61 5.35
N LYS B 81 29.28 -7.32 5.35
CA LYS B 81 30.42 -6.97 6.21
C LYS B 81 31.79 -7.03 5.54
N ILE B 82 32.61 -6.02 5.78
CA ILE B 82 34.03 -6.09 5.42
C ILE B 82 34.88 -5.71 6.63
N GLN B 83 36.19 -5.95 6.52
CA GLN B 83 37.12 -5.61 7.57
C GLN B 83 37.66 -4.23 7.29
N VAL B 84 37.98 -3.51 8.36
CA VAL B 84 38.75 -2.28 8.24
C VAL B 84 40.19 -2.54 8.69
N LEU B 85 41.14 -2.23 7.80
CA LEU B 85 42.54 -2.40 8.13
C LEU B 85 43.30 -1.07 8.18
N ALA B 86 43.36 -0.45 9.37
CA ALA B 86 44.07 0.82 9.55
C ALA B 86 45.54 0.57 9.83
N ASN B 87 46.37 0.90 8.86
CA ASN B 87 47.81 0.72 9.00
C ASN B 87 48.47 2.10 9.00
N TYR B 88 49.18 2.39 10.08
CA TYR B 88 49.98 3.62 10.21
C TYR B 88 50.70 4.02 8.91
N SER B 89 51.22 3.04 8.16
CA SER B 89 51.90 3.31 6.89
C SER B 89 51.14 4.22 5.94
N PHE B 90 49.85 3.95 5.78
CA PHE B 90 49.05 4.61 4.74
C PHE B 90 48.27 5.80 5.30
N HIS B 91 48.31 5.97 6.62
CA HIS B 91 47.57 7.04 7.29
C HIS B 91 47.98 8.42 6.82
N ASN B 92 47.00 9.28 6.57
CA ASN B 92 47.29 10.68 6.26
C ASN B 92 47.53 11.50 7.53
N HIS B 93 48.80 11.70 7.86
CA HIS B 93 49.17 12.33 9.13
C HIS B 93 48.85 13.81 9.15
N GLU B 94 48.57 14.40 7.99
CA GLU B 94 48.22 15.82 7.86
C GLU B 94 46.88 16.13 8.50
N LYS B 95 45.99 15.13 8.56
CA LYS B 95 44.61 15.32 9.02
C LYS B 95 44.47 14.98 10.50
N GLY B 96 45.50 14.38 11.08
CA GLY B 96 45.46 14.03 12.49
C GLY B 96 46.38 12.90 12.90
N ASN B 97 46.54 12.73 14.21
CA ASN B 97 47.38 11.67 14.74
C ASN B 97 46.75 10.27 14.66
N PHE B 98 47.47 9.31 14.10
CA PHE B 98 46.94 7.95 13.92
C PHE B 98 46.27 7.39 15.16
N ALA B 99 47.05 7.20 16.22
CA ALA B 99 46.55 6.57 17.45
C ALA B 99 45.37 7.34 18.04
N GLU B 100 45.53 8.66 18.14
CA GLU B 100 44.47 9.52 18.64
C GLU B 100 43.16 9.26 17.89
N CYS B 101 43.25 9.29 16.58
CA CYS B 101 42.07 9.19 15.75
C CYS B 101 41.35 7.83 15.90
N TYR B 102 42.09 6.73 15.86
CA TYR B 102 41.45 5.42 15.96
C TYR B 102 41.05 5.03 17.38
N ASP B 103 41.64 5.69 18.38
CA ASP B 103 41.28 5.40 19.79
C ASP B 103 39.86 5.85 20.14
N LYS B 104 39.38 6.91 19.47
CA LYS B 104 38.05 7.50 19.75
C LYS B 104 36.90 6.58 19.33
N ILE B 105 37.19 5.63 18.45
CA ILE B 105 36.18 4.81 17.79
C ILE B 105 35.65 3.69 18.65
N ARG B 106 34.32 3.64 18.81
CA ARG B 106 33.67 2.62 19.61
C ARG B 106 32.71 1.83 18.76
N ARG B 107 32.38 0.62 19.21
CA ARG B 107 31.44 -0.24 18.51
C ARG B 107 30.12 0.47 18.33
N GLY B 108 29.60 0.41 17.11
CA GLY B 108 28.35 1.08 16.77
C GLY B 108 28.52 2.42 16.05
N ASP B 109 29.72 2.98 16.11
CA ASP B 109 29.96 4.26 15.47
C ASP B 109 29.80 4.11 13.97
N ILE B 110 29.09 5.06 13.34
CA ILE B 110 29.05 5.12 11.90
C ILE B 110 30.18 6.02 11.40
N VAL B 111 30.97 5.51 10.45
CA VAL B 111 32.17 6.22 9.98
C VAL B 111 32.23 6.42 8.48
N GLY B 112 33.03 7.37 8.06
CA GLY B 112 33.27 7.59 6.65
C GLY B 112 34.73 7.36 6.44
N ILE B 113 35.08 6.45 5.54
CA ILE B 113 36.48 6.14 5.26
C ILE B 113 36.92 6.60 3.85
N VAL B 114 38.12 7.16 3.76
CA VAL B 114 38.82 7.37 2.49
C VAL B 114 40.03 6.42 2.45
N GLY B 115 40.02 5.46 1.54
CA GLY B 115 41.11 4.52 1.43
C GLY B 115 41.14 3.73 0.12
N PHE B 116 41.82 2.60 0.15
CA PHE B 116 41.93 1.73 -1.00
C PHE B 116 41.59 0.30 -0.61
N PRO B 117 41.13 -0.51 -1.58
CA PRO B 117 40.75 -1.89 -1.32
C PRO B 117 41.90 -2.87 -1.42
N GLY B 118 41.80 -3.97 -0.70
CA GLY B 118 42.77 -5.02 -0.79
C GLY B 118 42.40 -6.13 0.13
N LYS B 119 43.19 -7.20 0.12
CA LYS B 119 43.07 -8.27 1.12
C LYS B 119 44.29 -8.24 2.03
N SER B 120 44.10 -8.69 3.27
CA SER B 120 45.24 -8.94 4.15
C SER B 120 45.87 -10.25 3.71
N LYS B 121 47.12 -10.49 4.14
CA LYS B 121 47.83 -11.73 3.84
C LYS B 121 46.95 -12.94 4.11
N LYS B 122 46.35 -12.93 5.29
CA LYS B 122 45.53 -14.01 5.82
C LYS B 122 44.36 -14.26 4.90
N GLY B 123 44.03 -13.26 4.09
CA GLY B 123 43.01 -13.40 3.04
C GLY B 123 41.76 -12.53 3.18
N GLU B 124 41.72 -11.69 4.23
CA GLU B 124 40.51 -10.98 4.60
C GLU B 124 40.28 -9.73 3.74
N LEU B 125 39.13 -9.66 3.07
CA LEU B 125 38.83 -8.47 2.27
C LEU B 125 38.64 -7.24 3.18
N SER B 126 39.37 -6.19 2.87
CA SER B 126 39.46 -5.04 3.75
C SER B 126 39.43 -3.74 2.95
N ILE B 127 38.93 -2.71 3.60
CA ILE B 127 39.19 -1.35 3.17
C ILE B 127 40.36 -0.85 3.99
N PHE B 128 41.32 -0.23 3.33
CA PHE B 128 42.51 0.30 3.98
C PHE B 128 42.40 1.81 4.03
N PRO B 129 42.05 2.36 5.19
CA PRO B 129 41.91 3.80 5.30
C PRO B 129 43.23 4.53 5.18
N LYS B 130 43.18 5.68 4.52
CA LYS B 130 44.15 6.76 4.67
C LYS B 130 43.60 7.75 5.69
N GLU B 131 42.31 7.66 5.95
CA GLU B 131 41.60 8.65 6.73
C GLU B 131 40.20 8.19 7.12
N THR B 132 39.83 8.42 8.38
CA THR B 132 38.57 7.94 8.92
C THR B 132 37.89 9.03 9.73
N ILE B 133 36.68 9.37 9.35
CA ILE B 133 35.88 10.39 10.00
C ILE B 133 34.66 9.74 10.69
N LEU B 134 34.38 10.17 11.92
CA LEU B 134 33.14 9.86 12.59
C LEU B 134 31.99 10.60 11.89
N LEU B 135 30.91 9.87 11.56
CA LEU B 135 29.73 10.52 10.96
C LEU B 135 28.53 10.55 11.92
N SER B 136 28.47 9.60 12.84
CA SER B 136 27.38 9.53 13.82
C SER B 136 27.72 8.50 14.88
N ALA B 137 27.88 8.98 16.09
CA ALA B 137 28.34 8.17 17.20
C ALA B 137 27.23 7.35 17.81
N CYS B 138 27.56 6.13 18.25
CA CYS B 138 26.62 5.33 19.03
C CYS B 138 26.90 5.56 20.50
N LEU B 139 25.97 6.22 21.18
CA LEU B 139 26.14 6.70 22.57
C LEU B 139 25.83 5.64 23.63
N HIS B 140 25.12 4.59 23.24
CA HIS B 140 24.88 3.46 24.12
C HIS B 140 25.73 2.27 23.69
N MET B 141 26.01 1.38 24.63
CA MET B 141 26.54 0.07 24.29
C MET B 141 25.49 -0.74 23.55
N LEU B 142 25.82 -1.17 22.34
CA LEU B 142 24.98 -2.12 21.61
C LEU B 142 25.09 -3.46 22.29
N PRO B 143 23.96 -4.17 22.35
CA PRO B 143 23.98 -5.58 22.75
C PRO B 143 24.88 -6.37 21.83
N MET B 144 25.42 -7.49 22.28
CA MET B 144 26.21 -8.37 21.40
C MET B 144 25.34 -9.47 20.73
N LYS B 145 25.94 -10.23 19.82
CA LYS B 145 25.20 -11.28 19.09
C LYS B 145 24.69 -12.37 20.03
N GLY B 147 22.60 -11.81 22.63
CA GLY B 147 21.50 -12.03 23.54
C GLY B 147 20.57 -10.82 23.50
N LEU B 148 19.26 -11.06 23.36
CA LEU B 148 18.32 -10.00 23.07
C LEU B 148 16.88 -10.50 23.24
N THR B 151 15.91 -9.59 24.10
CA THR B 151 14.74 -10.11 24.77
C THR B 151 13.43 -9.56 24.16
N GLU B 152 12.68 -8.78 24.94
CA GLU B 152 11.48 -8.04 24.45
C GLU B 152 11.85 -6.69 23.79
N ILE B 153 13.16 -6.49 23.63
CA ILE B 153 13.67 -5.27 23.07
C ILE B 153 13.64 -5.31 21.53
N ARG B 154 13.60 -6.51 20.97
CA ARG B 154 13.35 -6.71 19.54
C ARG B 154 12.18 -5.90 19.01
N TYR B 155 11.07 -5.93 19.75
CA TYR B 155 9.85 -5.28 19.33
C TYR B 155 9.85 -3.79 19.63
N ARG B 156 10.32 -3.40 20.81
CA ARG B 156 10.34 -1.99 21.22
C ARG B 156 11.43 -1.19 20.56
N GLN B 157 12.56 -1.83 20.27
CA GLN B 157 13.65 -1.18 19.53
C GLN B 157 14.07 -2.05 18.36
N ARG B 158 13.18 -2.12 17.37
CA ARG B 158 13.36 -2.97 16.19
C ARG B 158 14.67 -2.68 15.48
N TYR B 159 15.13 -1.43 15.56
CA TYR B 159 16.40 -1.06 14.95
C TYR B 159 17.57 -1.86 15.58
N LEU B 160 17.52 -2.13 16.87
CA LEU B 160 18.57 -2.99 17.48
C LEU B 160 18.52 -4.42 16.91
N ASP B 161 17.31 -4.95 16.80
CA ASP B 161 17.11 -6.27 16.23
C ASP B 161 17.70 -6.35 14.82
N LEU B 162 17.37 -5.36 13.98
CA LEU B 162 17.90 -5.30 12.62
C LEU B 162 19.40 -5.18 12.55
N LEU B 163 20.00 -4.52 13.54
CA LEU B 163 21.43 -4.31 13.52
C LEU B 163 22.19 -5.58 13.90
N ILE B 164 21.71 -6.24 14.94
CA ILE B 164 22.45 -7.32 15.59
C ILE B 164 22.06 -8.75 15.16
N ASN B 165 20.77 -9.00 14.99
CA ASN B 165 20.27 -10.35 14.62
C ASN B 165 20.17 -10.53 13.13
N GLU B 166 21.02 -11.37 12.57
CA GLU B 166 21.14 -11.46 11.12
C GLU B 166 19.84 -11.93 10.47
N SER B 167 19.09 -12.78 11.18
CA SER B 167 17.86 -13.31 10.65
C SER B 167 16.75 -12.25 10.59
N SER B 168 16.92 -11.16 11.33
CA SER B 168 15.89 -10.14 11.37
C SER B 168 15.74 -9.46 10.00
N ARG B 169 16.84 -9.01 9.42
CA ARG B 169 16.76 -8.38 8.13
C ARG B 169 16.20 -9.35 7.08
N HIS B 170 16.62 -10.62 7.15
CA HIS B 170 16.13 -11.62 6.20
C HIS B 170 14.61 -11.76 6.25
N THR B 171 14.04 -11.80 7.46
CA THR B 171 12.60 -11.92 7.69
C THR B 171 11.81 -10.82 7.01
N PHE B 172 12.28 -9.59 7.13
CA PHE B 172 11.51 -8.45 6.66
C PHE B 172 11.74 -8.19 5.18
N VAL B 173 12.91 -8.60 4.69
CA VAL B 173 13.18 -8.59 3.29
C VAL B 173 12.31 -9.63 2.60
N THR B 174 12.25 -10.83 3.15
CA THR B 174 11.30 -11.82 2.65
C THR B 174 9.86 -11.27 2.62
N ARG B 175 9.47 -10.54 3.68
CA ARG B 175 8.11 -9.95 3.73
C ARG B 175 7.86 -9.07 2.53
N THR B 176 8.81 -8.20 2.24
CA THR B 176 8.66 -7.25 1.14
C THR B 176 8.64 -7.99 -0.18
N LYS B 177 9.48 -9.01 -0.33
CA LYS B 177 9.52 -9.83 -1.57
C LYS B 177 8.15 -10.52 -1.83
N ILE B 178 7.50 -11.00 -0.76
CA ILE B 178 6.20 -11.67 -0.83
C ILE B 178 5.14 -10.71 -1.37
N ILE B 179 5.06 -9.52 -0.80
CA ILE B 179 4.12 -8.50 -1.24
C ILE B 179 4.38 -8.07 -2.67
N ASN B 180 5.66 -7.85 -3.02
CA ASN B 180 6.06 -7.57 -4.42
C ASN B 180 5.62 -8.68 -5.40
N PHE B 181 5.80 -9.92 -4.99
CA PHE B 181 5.48 -11.08 -5.83
C PHE B 181 3.99 -11.14 -6.10
N LEU B 182 3.21 -11.03 -5.03
CA LEU B 182 1.77 -10.97 -5.10
C LEU B 182 1.31 -9.82 -6.04
N ARG B 183 1.91 -8.64 -5.90
CA ARG B 183 1.49 -7.51 -6.73
C ARG B 183 1.79 -7.78 -8.21
N ASN B 184 2.99 -8.25 -8.52
CA ASN B 184 3.29 -8.59 -9.91
C ASN B 184 2.44 -9.75 -10.43
N PHE B 185 2.22 -10.75 -9.58
CA PHE B 185 1.35 -11.89 -9.91
C PHE B 185 -0.04 -11.43 -10.37
N LEU B 186 -0.62 -10.50 -9.62
CA LEU B 186 -1.93 -10.02 -9.93
C LEU B 186 -1.88 -9.09 -11.15
N ASN B 187 -0.89 -8.18 -11.20
CA ASN B 187 -0.78 -7.28 -12.35
C ASN B 187 -0.59 -8.03 -13.68
N GLU B 188 0.21 -9.09 -13.69
CA GLU B 188 0.44 -9.89 -14.90
C GLU B 188 -0.83 -10.60 -15.40
N ARG B 189 -1.80 -10.78 -14.50
CA ARG B 189 -3.08 -11.40 -14.84
C ARG B 189 -4.14 -10.35 -15.14
N GLY B 190 -3.74 -9.09 -15.29
CA GLY B 190 -4.68 -8.03 -15.73
C GLY B 190 -5.42 -7.31 -14.61
N PHE B 191 -5.01 -7.54 -13.36
CA PHE B 191 -5.69 -6.97 -12.20
C PHE B 191 -5.32 -5.52 -11.96
N PHE B 192 -6.27 -4.76 -11.46
CA PHE B 192 -6.10 -3.33 -11.30
C PHE B 192 -6.07 -2.93 -9.81
N GLU B 193 -4.99 -2.29 -9.36
CA GLU B 193 -4.82 -1.99 -7.95
C GLU B 193 -5.45 -0.64 -7.59
N VAL B 194 -6.23 -0.63 -6.51
CA VAL B 194 -6.89 0.57 -6.04
C VAL B 194 -6.67 0.79 -4.56
N GLU B 195 -7.08 1.95 -4.11
CA GLU B 195 -7.17 2.22 -2.70
C GLU B 195 -8.61 2.64 -2.37
N THR B 196 -9.17 2.01 -1.36
CA THR B 196 -10.49 2.31 -0.87
C THR B 196 -10.34 2.87 0.55
N PRO B 197 -11.39 3.47 1.12
CA PRO B 197 -11.14 4.17 2.40
C PRO B 197 -10.69 3.31 3.56
N MET B 198 -9.79 3.86 4.37
CA MET B 198 -9.46 3.31 5.69
C MET B 198 -10.59 3.61 6.69
N MET B 199 -11.32 4.71 6.45
CA MET B 199 -12.37 5.17 7.36
C MET B 199 -13.74 5.20 6.69
N ASN B 200 -14.72 4.56 7.31
CA ASN B 200 -16.06 4.46 6.75
C ASN B 200 -17.12 4.61 7.86
N LEU B 201 -18.38 4.28 7.53
CA LEU B 201 -19.49 4.59 8.41
C LEU B 201 -20.17 3.37 8.97
N ILE B 202 -19.50 2.23 8.95
CA ILE B 202 -20.07 0.97 9.45
C ILE B 202 -19.25 0.37 10.61
N ALA B 203 -19.92 -0.22 11.60
CA ALA B 203 -19.24 -0.93 12.71
C ALA B 203 -18.43 -2.19 12.31
N ALA B 206 -19.08 -3.37 12.17
CA ALA B 206 -18.37 -4.64 11.91
C ALA B 206 -19.24 -5.92 11.99
N ASN B 207 -18.98 -6.70 13.04
CA ASN B 207 -19.51 -8.07 13.35
C ASN B 207 -18.32 -8.90 13.91
N ALA B 208 -17.14 -7.99 14.22
CA ALA B 208 -15.76 -8.29 14.53
C ALA B 208 -15.16 -7.09 15.24
N ARG B 209 -16.01 -6.11 15.58
CA ARG B 209 -15.74 -5.06 16.56
C ARG B 209 -14.75 -3.99 16.11
N PRO B 210 -15.20 -2.71 16.03
CA PRO B 210 -14.47 -1.67 15.31
C PRO B 210 -13.59 -0.75 16.16
N PHE B 211 -12.54 -0.23 15.52
CA PHE B 211 -11.91 0.98 16.01
C PHE B 211 -12.79 2.14 15.60
N ILE B 212 -13.01 3.06 16.52
CA ILE B 212 -13.90 4.19 16.31
C ILE B 212 -13.07 5.47 16.45
N THR B 213 -13.31 6.46 15.60
CA THR B 213 -12.62 7.72 15.71
C THR B 213 -13.61 8.82 15.32
N HIS B 214 -13.14 10.05 15.18
CA HIS B 214 -14.08 11.17 14.96
C HIS B 214 -13.43 12.36 14.26
N HIS B 215 -14.04 12.84 13.20
CA HIS B 215 -13.46 13.98 12.48
C HIS B 215 -14.17 15.22 13.00
N ASN B 216 -13.47 16.18 13.58
CA ASN B 216 -14.24 17.13 14.33
C ASN B 216 -14.79 18.24 13.43
N ASP B 217 -14.17 18.56 12.31
CA ASP B 217 -14.78 19.59 11.45
C ASP B 217 -16.15 19.11 10.95
N LEU B 218 -16.25 17.85 10.57
CA LEU B 218 -17.52 17.29 10.14
C LEU B 218 -18.46 16.92 11.29
N ASP B 219 -17.94 16.86 12.52
CA ASP B 219 -18.67 16.26 13.65
C ASP B 219 -19.27 14.93 13.27
N LEU B 220 -18.39 14.00 12.94
CA LEU B 220 -18.76 12.71 12.38
C LEU B 220 -17.92 11.60 13.01
N ASP B 221 -18.58 10.57 13.49
CA ASP B 221 -17.87 9.40 13.94
C ASP B 221 -17.56 8.58 12.70
N LEU B 222 -16.35 8.00 12.69
CA LEU B 222 -15.92 7.11 11.62
C LEU B 222 -15.40 5.81 12.20
N TYR B 223 -15.38 4.78 11.36
CA TYR B 223 -14.93 3.44 11.73
C TYR B 223 -13.83 2.99 10.78
N LEU B 224 -12.74 2.48 11.34
CA LEU B 224 -11.69 1.84 10.59
C LEU B 224 -12.24 0.56 10.00
N ARG B 225 -11.88 0.29 8.73
CA ARG B 225 -12.44 -0.83 8.01
C ARG B 225 -11.96 -2.14 8.63
N ILE B 226 -12.82 -3.14 8.58
CA ILE B 226 -12.45 -4.48 9.02
C ILE B 226 -12.01 -5.32 7.83
N ALA B 227 -12.40 -4.86 6.65
CA ALA B 227 -12.09 -5.54 5.40
C ALA B 227 -12.29 -4.55 4.27
N THR B 228 -11.84 -4.89 3.07
CA THR B 228 -12.01 -4.04 1.90
C THR B 228 -13.07 -4.58 0.94
N GLU B 229 -13.81 -5.61 1.38
CA GLU B 229 -14.88 -6.24 0.62
C GLU B 229 -15.82 -5.32 -0.16
N LEU B 230 -16.55 -4.48 0.56
CA LEU B 230 -17.69 -3.79 -0.03
C LEU B 230 -17.32 -2.81 -1.14
N PRO B 231 -16.36 -1.92 -0.86
CA PRO B 231 -16.11 -1.02 -1.97
C PRO B 231 -15.39 -1.67 -3.13
N LEU B 232 -14.68 -2.76 -2.91
CA LEU B 232 -14.09 -3.46 -4.06
C LEU B 232 -15.19 -4.03 -4.94
N LYS B 233 -16.25 -4.55 -4.33
CA LYS B 233 -17.34 -5.11 -5.11
C LYS B 233 -18.10 -4.02 -5.86
N MET B 234 -18.21 -2.82 -5.30
CA MET B 234 -18.79 -1.69 -6.06
C MET B 234 -17.97 -1.38 -7.29
N LEU B 235 -16.65 -1.52 -7.19
CA LEU B 235 -15.82 -1.25 -8.34
C LEU B 235 -16.08 -2.27 -9.46
N ILE B 236 -16.35 -3.53 -9.07
CA ILE B 236 -16.76 -4.54 -10.05
C ILE B 236 -18.03 -4.05 -10.77
N VAL B 237 -19.03 -3.64 -9.99
CA VAL B 237 -20.23 -3.03 -10.56
C VAL B 237 -19.88 -1.86 -11.47
N GLY B 238 -18.95 -1.01 -11.00
CA GLY B 238 -18.50 0.15 -11.76
C GLY B 238 -17.73 -0.21 -13.03
N GLY B 239 -17.58 -1.50 -13.34
CA GLY B 239 -16.88 -1.88 -14.55
C GLY B 239 -15.37 -2.18 -14.44
N ILE B 240 -14.79 -2.11 -13.26
CA ILE B 240 -13.42 -2.54 -13.11
C ILE B 240 -13.42 -4.02 -12.75
N ASP B 241 -13.40 -4.86 -13.80
CA ASP B 241 -13.72 -6.29 -13.71
C ASP B 241 -12.74 -7.18 -12.96
N LYS B 242 -11.47 -6.77 -12.90
CA LYS B 242 -10.47 -7.43 -12.07
C LYS B 242 -9.80 -6.35 -11.21
N VAL B 243 -9.91 -6.47 -9.91
CA VAL B 243 -9.64 -5.34 -9.04
C VAL B 243 -9.15 -5.85 -7.67
N TYR B 244 -8.19 -5.13 -7.08
CA TYR B 244 -7.64 -5.58 -5.80
C TYR B 244 -7.02 -4.48 -4.97
N GLU B 245 -6.76 -4.79 -3.72
CA GLU B 245 -6.13 -3.87 -2.81
C GLU B 245 -5.34 -4.67 -1.74
N ILE B 246 -4.15 -4.16 -1.44
CA ILE B 246 -3.24 -4.69 -0.44
C ILE B 246 -3.01 -3.57 0.59
N GLY B 247 -3.41 -3.79 1.84
CA GLY B 247 -3.30 -2.75 2.84
C GLY B 247 -3.82 -3.15 4.21
N LYS B 248 -3.76 -2.22 5.15
CA LYS B 248 -4.11 -2.55 6.53
C LYS B 248 -5.62 -2.69 6.74
N VAL B 249 -6.02 -3.65 7.56
CA VAL B 249 -7.36 -3.70 8.10
C VAL B 249 -7.24 -3.77 9.61
N PHE B 250 -8.35 -3.52 10.29
CA PHE B 250 -8.35 -3.33 11.73
C PHE B 250 -9.49 -4.10 12.38
N ARG B 251 -9.17 -4.93 13.37
CA ARG B 251 -10.20 -5.63 14.10
C ARG B 251 -9.89 -5.44 15.58
N ASN B 252 -10.77 -4.71 16.28
CA ASN B 252 -10.48 -4.24 17.63
C ASN B 252 -10.60 -5.35 18.66
N GLU B 253 -9.83 -6.43 18.47
CA GLU B 253 -9.98 -7.68 19.23
C GLU B 253 -8.77 -7.92 20.13
N GLY B 254 -8.67 -9.13 20.64
CA GLY B 254 -7.55 -9.55 21.48
C GLY B 254 -6.34 -9.92 20.66
N ILE B 255 -5.19 -9.83 21.31
CA ILE B 255 -3.90 -10.08 20.70
C ILE B 255 -3.42 -11.49 21.04
N ASP B 256 -2.89 -12.21 20.05
CA ASP B 256 -2.16 -13.44 20.32
C ASP B 256 -1.21 -13.76 19.17
N ASN B 257 -0.71 -14.99 19.13
CA ASN B 257 0.37 -15.32 18.24
C ASN B 257 -0.03 -15.24 16.77
N THR B 258 -1.32 -15.43 16.47
CA THR B 258 -1.81 -15.30 15.09
C THR B 258 -2.84 -14.19 14.92
N HIS B 259 -2.99 -13.35 15.95
CA HIS B 259 -3.87 -12.21 15.90
C HIS B 259 -3.21 -10.94 16.36
N ASN B 260 -3.20 -9.94 15.47
CA ASN B 260 -2.88 -8.58 15.80
C ASN B 260 -4.03 -7.70 15.32
N PRO B 261 -4.47 -6.73 16.13
CA PRO B 261 -5.63 -5.88 15.77
C PRO B 261 -5.48 -5.10 14.47
N GLU B 262 -4.28 -4.64 14.18
CA GLU B 262 -3.98 -4.06 12.87
C GLU B 262 -3.16 -5.09 12.07
N PHE B 263 -3.64 -5.45 10.87
CA PHE B 263 -2.91 -6.38 10.00
C PHE B 263 -3.10 -6.15 8.50
N THR B 264 -2.31 -6.85 7.69
CA THR B 264 -2.27 -6.59 6.26
C THR B 264 -3.02 -7.66 5.46
N SER B 265 -4.05 -7.23 4.72
CA SER B 265 -4.76 -8.13 3.85
C SER B 265 -4.53 -7.80 2.38
N CYS B 266 -4.84 -8.77 1.53
CA CYS B 266 -5.06 -8.56 0.11
C CYS B 266 -6.40 -9.13 -0.24
N GLU B 267 -7.27 -8.32 -0.85
CA GLU B 267 -8.52 -8.82 -1.36
C GLU B 267 -8.61 -8.45 -2.83
N PHE B 268 -9.11 -9.40 -3.62
CA PHE B 268 -9.36 -9.17 -5.02
C PHE B 268 -10.73 -9.70 -5.38
N TYR B 269 -11.33 -9.08 -6.40
CA TYR B 269 -12.54 -9.58 -7.02
C TYR B 269 -12.32 -9.67 -8.51
N TRP B 270 -12.95 -10.68 -9.09
CA TRP B 270 -12.67 -11.15 -10.43
C TRP B 270 -13.98 -11.51 -11.07
N ALA B 271 -14.51 -10.58 -11.89
CA ALA B 271 -15.74 -10.79 -12.64
C ALA B 271 -15.65 -12.02 -13.56
N TYR B 272 -16.71 -12.82 -13.53
CA TYR B 272 -16.88 -14.03 -14.33
C TYR B 272 -15.98 -15.18 -13.91
N ALA B 273 -15.30 -15.07 -12.76
CA ALA B 273 -14.54 -16.21 -12.26
C ALA B 273 -15.48 -17.11 -11.48
N ASP B 274 -15.22 -18.41 -11.49
CA ASP B 274 -16.00 -19.36 -10.72
C ASP B 274 -15.13 -20.06 -9.71
N TYR B 275 -15.70 -21.07 -9.06
CA TYR B 275 -15.05 -21.74 -7.97
C TYR B 275 -13.69 -22.33 -8.36
N ASN B 276 -13.61 -23.02 -9.50
CA ASN B 276 -12.38 -23.72 -9.80
C ASN B 276 -11.30 -22.72 -10.21
N ASP B 277 -11.68 -21.55 -10.70
CA ASP B 277 -10.69 -20.52 -11.01
C ASP B 277 -10.03 -20.06 -9.72
N LEU B 278 -10.84 -19.89 -8.68
CA LEU B 278 -10.35 -19.40 -7.40
C LEU B 278 -9.43 -20.44 -6.78
N ILE B 279 -9.80 -21.71 -6.92
CA ILE B 279 -8.94 -22.82 -6.48
C ILE B 279 -7.62 -22.76 -7.22
N LYS B 280 -7.68 -22.67 -8.55
CA LYS B 280 -6.49 -22.72 -9.36
C LYS B 280 -5.59 -21.48 -9.13
N TRP B 281 -6.21 -20.32 -8.95
CA TRP B 281 -5.45 -19.13 -8.57
C TRP B 281 -4.72 -19.40 -7.24
N SER B 282 -5.41 -20.03 -6.29
CA SER B 282 -4.82 -20.28 -4.98
C SER B 282 -3.63 -21.22 -5.07
N GLU B 283 -3.77 -22.27 -5.84
CA GLU B 283 -2.70 -23.27 -5.95
C GLU B 283 -1.50 -22.76 -6.76
N ASP B 284 -1.79 -22.01 -7.81
CA ASP B 284 -0.76 -21.37 -8.61
C ASP B 284 0.02 -20.32 -7.79
N PHE B 285 -0.70 -19.47 -7.05
CA PHE B 285 -0.07 -18.45 -6.25
C PHE B 285 0.90 -19.02 -5.22
N PHE B 286 0.44 -19.92 -4.37
CA PHE B 286 1.27 -20.39 -3.29
C PHE B 286 2.43 -21.25 -3.77
N SER B 287 2.21 -22.07 -4.79
CA SER B 287 3.30 -22.94 -5.25
C SER B 287 4.42 -22.09 -5.90
N GLN B 288 4.03 -21.20 -6.78
CA GLN B 288 4.98 -20.35 -7.44
C GLN B 288 5.64 -19.37 -6.45
N LEU B 289 4.88 -18.84 -5.47
CA LEU B 289 5.46 -17.91 -4.51
C LEU B 289 6.56 -18.62 -3.75
N VAL B 290 6.25 -19.84 -3.29
CA VAL B 290 7.22 -20.64 -2.54
C VAL B 290 8.44 -20.98 -3.38
N TYR B 291 8.22 -21.42 -4.62
CA TYR B 291 9.34 -21.74 -5.49
C TYR B 291 10.18 -20.50 -5.75
N HIS B 292 9.52 -19.36 -5.93
CA HIS B 292 10.20 -18.10 -6.19
C HIS B 292 11.19 -17.77 -5.08
N LEU B 293 10.79 -18.03 -3.85
CA LEU B 293 11.58 -17.67 -2.70
C LEU B 293 12.68 -18.68 -2.38
N PHE B 294 12.42 -19.94 -2.64
CA PHE B 294 13.29 -21.04 -2.14
C PHE B 294 13.87 -21.95 -3.20
N GLY B 295 13.35 -21.93 -4.41
CA GLY B 295 13.86 -22.82 -5.44
C GLY B 295 13.37 -24.27 -5.24
N THR B 296 12.35 -24.45 -4.39
CA THR B 296 11.72 -25.74 -4.15
C THR B 296 10.30 -25.46 -3.63
N TYR B 297 9.43 -26.46 -3.67
CA TYR B 297 8.11 -26.34 -3.10
C TYR B 297 8.07 -26.74 -1.62
N LYS B 298 9.18 -27.30 -1.12
CA LYS B 298 9.24 -27.89 0.23
C LYS B 298 9.98 -26.95 1.20
N ILE B 299 9.37 -26.61 2.33
CA ILE B 299 10.00 -25.75 3.31
C ILE B 299 9.96 -26.42 4.68
N SER B 300 10.83 -25.97 5.56
CA SER B 300 10.87 -26.45 6.94
C SER B 300 10.23 -25.43 7.87
N TYR B 301 9.40 -25.87 8.78
CA TYR B 301 8.73 -24.95 9.68
C TYR B 301 8.68 -25.51 11.09
N ASN B 302 9.06 -24.68 12.06
CA ASN B 302 9.01 -25.03 13.49
C ASN B 302 7.69 -24.72 14.14
N LYS B 303 6.69 -25.55 13.88
CA LYS B 303 5.36 -25.33 14.41
C LYS B 303 5.37 -25.21 15.94
N ASP B 304 6.24 -25.97 16.60
CA ASP B 304 6.25 -26.09 18.04
C ASP B 304 7.47 -25.43 18.66
N GLY B 305 7.89 -24.32 18.09
CA GLY B 305 9.03 -23.58 18.58
C GLY B 305 10.37 -24.12 18.11
N PRO B 306 11.41 -23.29 18.20
CA PRO B 306 12.78 -23.63 17.83
C PRO B 306 13.37 -24.79 18.64
N GLU B 307 12.98 -24.90 19.90
CA GLU B 307 13.51 -25.97 20.76
C GLU B 307 13.01 -27.37 20.35
N ASN B 308 12.01 -27.43 19.49
CA ASN B 308 11.47 -28.70 19.00
C ASN B 308 11.75 -28.96 17.51
N GLN B 309 11.47 -30.19 17.06
CA GLN B 309 11.81 -30.59 15.68
C GLN B 309 10.87 -29.87 14.70
N PRO B 310 11.41 -29.42 13.56
CA PRO B 310 10.56 -28.77 12.58
C PRO B 310 9.87 -29.82 11.75
N ILE B 311 8.84 -29.40 11.03
CA ILE B 311 8.13 -30.29 10.11
C ILE B 311 8.29 -29.73 8.70
N GLU B 312 7.97 -30.56 7.73
CA GLU B 312 8.07 -30.21 6.36
C GLU B 312 6.69 -29.89 5.81
N ILE B 313 6.56 -28.72 5.19
CA ILE B 313 5.32 -28.33 4.52
C ILE B 313 5.56 -28.35 3.03
N ASP B 314 4.82 -29.20 2.31
CA ASP B 314 5.03 -29.35 0.88
C ASP B 314 3.96 -28.59 0.08
N PHE B 315 4.38 -27.59 -0.67
CA PHE B 315 3.48 -26.70 -1.44
C PHE B 315 3.29 -27.16 -2.91
N THR B 316 3.79 -28.34 -3.26
CA THR B 316 3.53 -28.97 -4.55
C THR B 316 2.02 -29.14 -4.75
N PRO B 317 1.47 -28.55 -5.84
CA PRO B 317 0.04 -28.61 -6.10
C PRO B 317 -0.32 -29.92 -6.77
N PRO B 318 -1.61 -30.30 -6.75
CA PRO B 318 -2.72 -29.58 -6.11
C PRO B 318 -2.81 -29.88 -4.62
N TYR B 319 -3.65 -29.15 -3.91
CA TYR B 319 -3.78 -29.31 -2.46
C TYR B 319 -5.09 -30.03 -2.12
N PRO B 320 -5.14 -30.80 -1.02
CA PRO B 320 -6.36 -31.47 -0.61
C PRO B 320 -7.55 -30.53 -0.44
N LYS B 321 -8.75 -30.99 -0.77
CA LYS B 321 -10.02 -30.29 -0.47
C LYS B 321 -10.91 -31.13 0.43
N VAL B 322 -11.40 -30.54 1.51
CA VAL B 322 -12.16 -31.25 2.53
C VAL B 322 -13.47 -30.50 2.75
N SER B 323 -14.59 -31.16 2.46
CA SER B 323 -15.89 -30.57 2.68
C SER B 323 -16.16 -30.53 4.16
N ILE B 324 -16.41 -29.33 4.68
CA ILE B 324 -16.52 -29.14 6.12
C ILE B 324 -17.59 -30.02 6.79
N VAL B 325 -18.81 -30.00 6.30
CA VAL B 325 -19.87 -30.79 6.96
C VAL B 325 -19.59 -32.29 6.88
N GLU B 326 -19.17 -32.74 5.70
CA GLU B 326 -18.96 -34.16 5.49
C GLU B 326 -17.88 -34.70 6.40
N GLU B 327 -16.83 -33.89 6.59
CA GLU B 327 -15.71 -34.29 7.43
C GLU B 327 -16.05 -34.22 8.95
N ILE B 328 -16.82 -33.23 9.38
CA ILE B 328 -17.29 -33.22 10.77
C ILE B 328 -18.13 -34.46 11.10
N GLU B 329 -19.04 -34.79 10.17
CA GLU B 329 -19.89 -35.99 10.28
C GLU B 329 -19.03 -37.24 10.43
N LYS B 330 -18.00 -37.37 9.59
CA LYS B 330 -17.13 -38.56 9.58
C LYS B 330 -16.41 -38.74 10.90
N VAL B 331 -15.72 -37.70 11.37
CA VAL B 331 -14.88 -37.87 12.53
C VAL B 331 -15.67 -37.93 13.84
N THR B 332 -16.90 -37.42 13.84
CA THR B 332 -17.74 -37.46 15.03
C THR B 332 -18.81 -38.52 14.96
N ASN B 333 -18.80 -39.34 13.92
CA ASN B 333 -19.90 -40.29 13.60
C ASN B 333 -21.28 -39.70 13.87
N THR B 334 -21.54 -38.52 13.31
CA THR B 334 -22.83 -37.91 13.47
C THR B 334 -23.38 -37.64 12.08
N ILE B 335 -24.69 -37.48 11.99
CA ILE B 335 -25.31 -36.97 10.80
C ILE B 335 -25.89 -35.62 11.18
N LEU B 336 -25.43 -34.56 10.51
CA LEU B 336 -25.91 -33.21 10.76
C LEU B 336 -26.95 -32.86 9.73
N GLU B 337 -28.18 -33.19 10.05
CA GLU B 337 -29.28 -33.05 9.13
C GLU B 337 -29.70 -31.60 8.93
N GLN B 338 -30.05 -31.27 7.71
CA GLN B 338 -30.50 -29.92 7.40
C GLN B 338 -31.97 -29.62 7.70
N PRO B 339 -32.29 -28.33 7.95
CA PRO B 339 -31.33 -27.21 8.02
C PRO B 339 -30.55 -27.23 9.32
N PHE B 340 -29.30 -26.75 9.27
CA PHE B 340 -28.45 -26.78 10.45
C PHE B 340 -29.01 -25.80 11.50
N ASP B 341 -30.07 -25.07 11.11
CA ASP B 341 -30.90 -24.20 11.96
C ASP B 341 -31.63 -24.88 13.09
N SER B 342 -32.46 -25.87 12.75
CA SER B 342 -33.35 -26.56 13.69
C SER B 342 -32.68 -26.88 15.02
N ASN B 343 -33.40 -26.94 16.13
CA ASN B 343 -32.68 -27.00 17.40
C ASN B 343 -32.28 -28.45 17.66
N GLU B 344 -32.78 -29.34 16.82
CA GLU B 344 -32.33 -30.74 16.78
C GLU B 344 -30.85 -30.79 16.36
N THR B 345 -30.57 -30.40 15.12
CA THR B 345 -29.19 -30.25 14.64
C THR B 345 -28.37 -29.36 15.58
N ILE B 346 -28.95 -28.25 16.00
CA ILE B 346 -28.29 -27.40 16.99
C ILE B 346 -27.94 -28.18 18.25
N GLU B 347 -28.94 -28.85 18.83
CA GLU B 347 -28.78 -29.68 20.03
C GLU B 347 -27.65 -30.67 19.78
N LYS B 348 -27.77 -31.37 18.66
CA LYS B 348 -26.76 -32.33 18.26
C LYS B 348 -25.33 -31.76 18.28
N MET B 349 -25.15 -30.57 17.73
CA MET B 349 -23.81 -29.97 17.66
C MET B 349 -23.33 -29.54 19.05
N ILE B 350 -24.26 -29.03 19.84
CA ILE B 350 -23.96 -28.68 21.25
C ILE B 350 -23.50 -29.91 22.04
N ASN B 351 -24.18 -31.05 21.83
CA ASN B 351 -23.83 -32.29 22.53
C ASN B 351 -22.47 -32.80 22.12
N ILE B 352 -22.13 -32.71 20.84
CA ILE B 352 -20.78 -33.04 20.39
C ILE B 352 -19.76 -32.18 21.15
N ILE B 353 -20.10 -30.91 21.31
CA ILE B 353 -19.20 -29.95 21.90
C ILE B 353 -18.90 -30.29 23.35
N LYS B 354 -19.93 -30.55 24.13
CA LYS B 354 -19.73 -30.96 25.53
C LYS B 354 -18.85 -32.20 25.63
N GLU B 355 -19.30 -33.27 24.98
CA GLU B 355 -18.62 -34.56 25.04
C GLU B 355 -17.10 -34.49 24.85
N HIS B 356 -16.63 -33.53 24.05
CA HIS B 356 -15.21 -33.46 23.62
C HIS B 356 -14.37 -32.33 24.26
N LYS B 357 -14.80 -31.90 25.46
CA LYS B 357 -14.25 -30.71 26.14
C LYS B 357 -14.97 -29.48 25.60
N ILE B 358 -14.23 -28.64 24.87
CA ILE B 358 -14.78 -27.59 23.97
C ILE B 358 -15.86 -26.61 24.50
N GLU B 359 -15.67 -25.32 24.20
CA GLU B 359 -16.38 -24.23 24.87
C GLU B 359 -17.73 -23.77 24.26
N LEU B 360 -17.79 -23.67 22.94
CA LEU B 360 -18.99 -23.11 22.29
C LEU B 360 -19.30 -21.65 22.71
N PRO B 363 -20.86 -17.10 22.64
CA PRO B 363 -22.19 -17.72 22.67
C PRO B 363 -22.26 -19.03 21.86
N PRO B 364 -23.42 -19.71 21.92
CA PRO B 364 -23.73 -20.88 21.06
C PRO B 364 -24.75 -20.64 19.91
N THR B 365 -24.26 -20.62 18.67
CA THR B 365 -25.15 -20.56 17.47
C THR B 365 -24.76 -21.53 16.29
N ALA B 366 -25.75 -21.80 15.44
CA ALA B 366 -25.57 -22.68 14.28
C ALA B 366 -24.28 -22.41 13.49
N ALA B 367 -24.04 -21.16 13.12
CA ALA B 367 -22.79 -20.81 12.46
C ALA B 367 -21.56 -20.92 13.37
N LYS B 368 -21.64 -20.39 14.60
CA LYS B 368 -20.51 -20.52 15.55
C LYS B 368 -20.24 -21.92 16.05
N LEU B 369 -21.28 -22.74 16.17
CA LEU B 369 -21.06 -24.15 16.52
C LEU B 369 -20.30 -24.87 15.42
N LEU B 370 -20.76 -24.67 14.19
CA LEU B 370 -20.07 -25.20 13.02
C LEU B 370 -18.62 -24.74 12.96
N ASP B 371 -18.39 -23.44 13.12
CA ASP B 371 -16.99 -22.95 13.17
C ASP B 371 -16.19 -23.65 14.27
N GLN B 372 -16.76 -23.75 15.47
CA GLN B 372 -16.06 -24.40 16.58
C GLN B 372 -15.77 -25.87 16.30
N LEU B 373 -16.78 -26.59 15.83
CA LEU B 373 -16.59 -27.98 15.40
C LEU B 373 -15.50 -28.13 14.33
N ALA B 374 -15.49 -27.21 13.37
CA ALA B 374 -14.46 -27.21 12.31
C ALA B 374 -13.06 -26.95 12.90
N SER B 375 -12.97 -26.02 13.83
CA SER B 375 -11.68 -25.75 14.50
C SER B 375 -11.07 -27.01 15.12
N HIS B 376 -11.84 -27.69 15.94
CA HIS B 376 -11.31 -28.83 16.68
C HIS B 376 -11.13 -30.08 15.89
N PHE B 377 -12.00 -30.30 14.91
CA PHE B 377 -12.03 -31.60 14.23
C PHE B 377 -11.40 -31.63 12.84
N ILE B 378 -11.29 -30.48 12.19
CA ILE B 378 -10.86 -30.44 10.79
C ILE B 378 -9.58 -29.65 10.50
N GLU B 379 -9.45 -28.48 11.14
CA GLU B 379 -8.39 -27.54 10.76
C GLU B 379 -6.99 -28.04 11.03
N ASN B 380 -6.84 -29.15 11.76
CA ASN B 380 -5.54 -29.84 11.89
C ASN B 380 -5.40 -31.14 11.10
N LYS B 381 -6.25 -31.31 10.09
CA LYS B 381 -6.21 -32.52 9.29
C LYS B 381 -4.83 -32.74 8.70
N TYR B 382 -4.28 -31.72 8.05
CA TYR B 382 -2.93 -31.80 7.47
C TYR B 382 -2.03 -30.73 8.03
N ASN B 383 -0.80 -31.09 8.36
CA ASN B 383 0.22 -30.07 8.64
C ASN B 383 1.36 -30.15 7.64
N ASP B 384 1.43 -31.24 6.90
CA ASP B 384 2.54 -31.47 5.99
C ASP B 384 2.28 -30.87 4.61
N LYS B 385 1.07 -30.35 4.37
CA LYS B 385 0.71 -29.65 3.14
C LYS B 385 -0.29 -28.56 3.52
N PRO B 386 -0.46 -27.57 2.64
CA PRO B 386 -1.61 -26.69 2.78
C PRO B 386 -2.86 -27.42 2.29
N PHE B 387 -4.02 -27.03 2.77
CA PHE B 387 -5.24 -27.67 2.25
C PHE B 387 -6.42 -26.69 2.32
N PHE B 388 -7.48 -27.01 1.59
CA PHE B 388 -8.68 -26.22 1.57
C PHE B 388 -9.80 -26.96 2.31
N ILE B 389 -10.48 -26.24 3.19
CA ILE B 389 -11.80 -26.61 3.65
C ILE B 389 -12.79 -25.89 2.74
N VAL B 390 -13.73 -26.64 2.17
CA VAL B 390 -14.60 -26.16 1.11
C VAL B 390 -16.07 -26.47 1.38
N GLU B 391 -16.96 -25.79 0.64
CA GLU B 391 -18.39 -26.07 0.61
C GLU B 391 -19.10 -25.80 1.94
N HIS B 392 -18.67 -24.75 2.62
CA HIS B 392 -19.31 -24.32 3.86
C HIS B 392 -20.80 -24.05 3.67
N PRO B 393 -21.61 -24.43 4.67
CA PRO B 393 -23.03 -24.10 4.73
C PRO B 393 -23.33 -22.64 4.47
N GLN B 394 -24.49 -22.41 3.86
CA GLN B 394 -24.99 -21.06 3.59
C GLN B 394 -25.14 -20.23 4.86
N ILE B 395 -25.45 -20.88 5.98
CA ILE B 395 -25.63 -20.13 7.27
C ILE B 395 -24.33 -19.56 7.81
N MET B 396 -23.21 -20.16 7.40
CA MET B 396 -21.90 -19.67 7.77
C MET B 396 -21.40 -18.66 6.78
N SER B 397 -22.09 -18.57 5.64
CA SER B 397 -21.53 -17.92 4.46
C SER B 397 -22.56 -17.06 3.74
N PRO B 398 -23.05 -16.00 4.40
CA PRO B 398 -24.20 -15.22 3.88
C PRO B 398 -23.93 -14.49 2.56
N LEU B 399 -22.66 -14.34 2.19
CA LEU B 399 -22.28 -13.61 1.00
C LEU B 399 -21.90 -14.53 -0.17
N ALA B 400 -21.92 -15.85 0.03
CA ALA B 400 -21.42 -16.79 -0.99
C ALA B 400 -22.51 -17.40 -1.82
N LYS B 401 -22.22 -17.61 -3.11
CA LYS B 401 -23.21 -18.20 -4.03
C LYS B 401 -23.52 -19.65 -3.65
N TYR B 402 -24.75 -20.10 -3.88
CA TYR B 402 -25.17 -21.45 -3.48
C TYR B 402 -24.40 -22.50 -4.27
N HIS B 403 -24.07 -23.62 -3.60
CA HIS B 403 -23.54 -24.77 -4.28
C HIS B 403 -24.55 -25.24 -5.33
N ARG B 404 -24.06 -25.70 -6.46
CA ARG B 404 -24.96 -26.01 -7.56
C ARG B 404 -25.57 -27.40 -7.48
N THR B 405 -24.95 -28.32 -6.75
CA THR B 405 -25.51 -29.65 -6.58
C THR B 405 -25.83 -30.08 -5.13
N LYS B 406 -25.14 -29.53 -4.14
CA LYS B 406 -25.32 -29.95 -2.74
C LYS B 406 -26.19 -28.97 -1.98
N PRO B 407 -27.41 -29.40 -1.58
CA PRO B 407 -28.37 -28.52 -0.91
C PRO B 407 -27.80 -27.90 0.33
N GLY B 408 -27.97 -26.58 0.44
CA GLY B 408 -27.65 -25.85 1.68
C GLY B 408 -26.21 -25.36 1.82
N LEU B 409 -25.39 -25.69 0.83
CA LEU B 409 -23.96 -25.40 0.86
C LEU B 409 -23.61 -24.23 -0.10
N THR B 410 -22.34 -23.80 -0.07
CA THR B 410 -21.85 -22.74 -0.93
C THR B 410 -20.62 -23.13 -1.74
N GLU B 411 -20.26 -22.27 -2.69
CA GLU B 411 -18.97 -22.36 -3.42
C GLU B 411 -17.85 -21.55 -2.72
N ARG B 412 -17.48 -21.97 -1.52
CA ARG B 412 -16.50 -21.31 -0.69
C ARG B 412 -15.30 -22.22 -0.47
N LEU B 413 -14.13 -21.60 -0.32
CA LEU B 413 -12.91 -22.32 -0.09
C LEU B 413 -12.06 -21.52 0.87
N GLU B 414 -11.36 -22.25 1.74
CA GLU B 414 -10.64 -21.67 2.82
C GLU B 414 -9.36 -22.45 3.02
N MET B 415 -8.21 -21.81 2.78
CA MET B 415 -6.94 -22.52 2.82
C MET B 415 -6.28 -22.36 4.15
N PHE B 416 -5.79 -23.49 4.68
CA PHE B 416 -5.11 -23.54 5.98
C PHE B 416 -3.68 -24.00 5.81
N ILE B 417 -2.81 -23.42 6.63
CA ILE B 417 -1.42 -23.86 6.74
C ILE B 417 -1.14 -24.04 8.21
N CYS B 418 -0.67 -25.24 8.59
CA CYS B 418 -0.48 -25.65 10.01
C CYS B 418 -1.63 -25.26 10.88
N GLY B 419 -2.82 -25.63 10.44
CA GLY B 419 -4.03 -25.29 11.15
C GLY B 419 -4.43 -23.83 11.21
N LYS B 420 -3.72 -22.93 10.53
CA LYS B 420 -4.06 -21.50 10.51
C LYS B 420 -4.64 -21.06 9.17
N GLU B 421 -5.76 -20.34 9.23
CA GLU B 421 -6.40 -19.81 8.04
C GLU B 421 -5.56 -18.68 7.45
N VAL B 422 -5.13 -18.84 6.20
CA VAL B 422 -4.41 -17.75 5.48
C VAL B 422 -5.16 -17.24 4.25
N LEU B 423 -6.30 -17.85 3.91
CA LEU B 423 -7.01 -17.49 2.69
C LEU B 423 -8.49 -17.85 2.77
N ASN B 424 -9.33 -16.97 2.24
CA ASN B 424 -10.76 -17.21 2.19
C ASN B 424 -11.31 -16.66 0.88
N ALA B 425 -12.06 -17.48 0.17
CA ALA B 425 -12.51 -17.13 -1.17
C ALA B 425 -13.86 -17.77 -1.46
N TYR B 426 -14.63 -17.09 -2.30
CA TYR B 426 -15.91 -17.64 -2.74
C TYR B 426 -16.48 -16.87 -3.92
N THR B 427 -17.37 -17.54 -4.63
CA THR B 427 -18.21 -16.92 -5.62
C THR B 427 -19.24 -16.04 -4.89
N GLU B 428 -19.48 -14.83 -5.38
CA GLU B 428 -20.44 -13.91 -4.75
C GLU B 428 -21.90 -14.28 -5.01
N LEU B 429 -22.73 -14.13 -3.98
CA LEU B 429 -24.15 -14.24 -4.13
C LEU B 429 -24.62 -12.94 -4.77
N ASN B 430 -24.88 -12.95 -6.07
CA ASN B 430 -25.17 -11.68 -6.75
C ASN B 430 -26.64 -11.41 -7.03
N ASP B 431 -27.52 -12.38 -6.76
CA ASP B 431 -28.97 -12.17 -6.84
C ASP B 431 -29.44 -11.46 -5.57
N PRO B 432 -29.85 -10.19 -5.69
CA PRO B 432 -30.26 -9.42 -4.53
C PRO B 432 -31.52 -9.95 -3.86
N PHE B 433 -32.31 -10.75 -4.56
CA PHE B 433 -33.50 -11.38 -4.01
C PHE B 433 -33.18 -12.66 -3.24
N LYS B 434 -31.98 -13.21 -3.40
CA LYS B 434 -31.50 -14.32 -2.57
C LYS B 434 -30.62 -13.84 -1.43
N GLN B 435 -30.28 -12.55 -1.45
CA GLN B 435 -29.39 -11.98 -0.44
C GLN B 435 -30.20 -11.59 0.81
N LYS B 436 -29.92 -12.26 1.93
CA LYS B 436 -30.68 -12.08 3.16
C LYS B 436 -30.63 -10.66 3.73
N GLU B 437 -29.50 -9.95 3.61
CA GLU B 437 -29.40 -8.61 4.18
C GLU B 437 -30.20 -7.61 3.34
N CYS B 438 -30.57 -8.00 2.12
CA CYS B 438 -31.44 -7.16 1.27
C CYS B 438 -32.91 -7.51 1.44
N PHE B 439 -33.24 -8.37 2.41
CA PHE B 439 -34.62 -8.71 2.72
C PHE B 439 -35.25 -7.56 3.51
N LYS B 440 -34.61 -7.20 4.62
CA LYS B 440 -35.00 -6.05 5.41
C LYS B 440 -34.16 -4.82 5.01
N LEU B 441 -34.02 -4.61 3.71
CA LEU B 441 -33.28 -3.46 3.17
C LEU B 441 -33.64 -3.19 1.72
N ALA B 459 -26.53 0.16 1.11
CA ALA B 459 -25.51 0.62 0.16
C ALA B 459 -24.97 -0.53 -0.68
N PHE B 460 -24.63 -1.62 -0.03
CA PHE B 460 -24.27 -2.83 -0.75
C PHE B 460 -25.45 -3.33 -1.56
N CYS B 461 -26.63 -3.37 -0.94
CA CYS B 461 -27.84 -3.85 -1.61
C CYS B 461 -28.20 -3.02 -2.83
N THR B 462 -28.03 -1.70 -2.70
CA THR B 462 -28.24 -0.79 -3.82
C THR B 462 -27.24 -1.05 -4.95
N SER B 463 -26.00 -1.36 -4.62
CA SER B 463 -25.02 -1.81 -5.64
C SER B 463 -25.51 -2.96 -6.47
N LEU B 464 -25.97 -4.00 -5.78
CA LEU B 464 -26.39 -5.24 -6.39
C LEU B 464 -27.59 -5.02 -7.30
N GLU B 465 -28.40 -4.01 -6.98
CA GLU B 465 -29.57 -3.66 -7.77
C GLU B 465 -29.20 -3.07 -9.12
N TYR B 466 -27.99 -2.53 -9.23
CA TYR B 466 -27.52 -2.03 -10.50
C TYR B 466 -26.86 -3.13 -11.35
N GLY B 467 -26.68 -4.31 -10.76
CA GLY B 467 -26.17 -5.43 -11.52
C GLY B 467 -24.71 -5.77 -11.28
N LEU B 468 -24.47 -6.70 -10.38
CA LEU B 468 -23.17 -7.27 -10.15
C LEU B 468 -23.05 -8.53 -11.01
N PRO B 469 -22.03 -8.63 -11.84
CA PRO B 469 -21.89 -9.85 -12.61
C PRO B 469 -21.55 -11.02 -11.70
N PRO B 470 -21.70 -12.26 -12.20
CA PRO B 470 -21.02 -13.35 -11.50
C PRO B 470 -19.54 -12.98 -11.25
N THR B 471 -19.07 -13.20 -10.03
CA THR B 471 -17.82 -12.63 -9.54
C THR B 471 -17.26 -13.60 -8.49
N GLY B 472 -15.96 -13.87 -8.55
CA GLY B 472 -15.27 -14.60 -7.49
C GLY B 472 -14.43 -13.58 -6.70
N GLY B 473 -14.41 -13.73 -5.37
CA GLY B 473 -13.62 -12.86 -4.53
C GLY B 473 -12.72 -13.69 -3.63
N LEU B 474 -11.61 -13.11 -3.19
CA LEU B 474 -10.61 -13.83 -2.44
C LEU B 474 -9.80 -12.90 -1.54
N GLY B 475 -9.47 -13.38 -0.35
CA GLY B 475 -8.70 -12.62 0.61
C GLY B 475 -7.53 -13.44 1.14
N LEU B 476 -6.43 -12.76 1.44
CA LEU B 476 -5.21 -13.41 1.89
C LEU B 476 -4.77 -12.67 3.16
N GLY B 477 -4.29 -13.42 4.17
CA GLY B 477 -3.66 -12.79 5.34
C GLY B 477 -2.16 -12.71 5.15
N ILE B 478 -1.67 -11.54 4.79
CA ILE B 478 -0.27 -11.37 4.43
C ILE B 478 0.68 -11.71 5.59
N ASP B 479 0.30 -11.32 6.81
CA ASP B 479 1.17 -11.56 7.96
C ASP B 479 1.29 -13.05 8.26
N ARG B 480 0.18 -13.78 8.23
CA ARG B 480 0.28 -15.20 8.53
C ARG B 480 1.11 -15.92 7.49
N ILE B 481 0.99 -15.51 6.22
CA ILE B 481 1.74 -16.14 5.13
C ILE B 481 3.21 -15.92 5.36
N THR B 482 3.56 -14.70 5.73
CA THR B 482 4.94 -14.33 5.97
C THR B 482 5.50 -15.16 7.14
N MET B 483 4.67 -15.39 8.16
CA MET B 483 5.10 -16.18 9.30
C MET B 483 5.60 -17.52 8.82
N PHE B 484 4.77 -18.21 8.04
CA PHE B 484 5.12 -19.52 7.55
C PHE B 484 6.35 -19.55 6.64
N LEU B 485 6.49 -18.52 5.83
CA LEU B 485 7.57 -18.52 4.88
C LEU B 485 8.87 -17.95 5.46
N THR B 486 8.82 -17.48 6.70
CA THR B 486 10.05 -17.02 7.41
C THR B 486 10.25 -17.76 8.74
N ASN B 487 9.55 -18.88 8.94
CA ASN B 487 9.70 -19.68 10.15
C ASN B 487 9.41 -18.96 11.47
N LYS B 488 8.35 -18.19 11.52
CA LYS B 488 7.96 -17.54 12.78
C LYS B 488 6.70 -18.11 13.38
N ASN B 489 6.64 -18.11 14.69
CA ASN B 489 5.53 -18.64 15.48
C ASN B 489 4.55 -17.56 15.94
N SER B 490 5.02 -16.32 15.90
CA SER B 490 4.29 -15.19 16.42
C SER B 490 4.16 -14.07 15.37
N ILE B 491 2.96 -13.55 15.20
CA ILE B 491 2.69 -12.49 14.23
C ILE B 491 3.56 -11.22 14.46
N LYS B 492 3.90 -10.97 15.73
CA LYS B 492 4.76 -9.83 16.12
C LYS B 492 6.13 -9.92 15.50
N ASP B 493 6.59 -11.13 15.22
CA ASP B 493 7.88 -11.31 14.56
C ASP B 493 7.92 -10.92 13.06
N VAL B 494 6.77 -10.69 12.41
CA VAL B 494 6.78 -10.30 10.98
C VAL B 494 6.21 -8.90 10.73
N ILE B 495 5.94 -8.18 11.83
CA ILE B 495 5.54 -6.78 11.82
C ILE B 495 6.69 -5.92 12.39
N LEU B 496 7.14 -4.91 11.66
CA LEU B 496 8.33 -4.17 12.06
C LEU B 496 8.15 -3.53 13.44
N PHE B 497 7.07 -2.77 13.61
CA PHE B 497 6.79 -2.11 14.86
C PHE B 497 5.42 -2.46 15.43
N PRO B 498 5.27 -3.65 16.00
CA PRO B 498 3.95 -4.03 16.49
C PRO B 498 3.55 -3.17 17.71
N THR B 499 2.27 -2.82 17.80
CA THR B 499 1.75 -1.95 18.85
C THR B 499 1.80 -2.72 20.18
N MET B 500 2.28 -2.06 21.22
CA MET B 500 2.59 -2.71 22.51
C MET B 500 2.18 -1.92 23.73
N ARG B 501 1.87 -2.63 24.81
CA ARG B 501 1.77 -2.00 26.14
C ARG B 501 3.05 -1.21 26.38
N PRO B 502 2.94 0.11 26.64
CA PRO B 502 4.12 0.94 26.83
C PRO B 502 4.99 0.45 27.98
N ALA B 503 4.37 -0.21 28.96
CA ALA B 503 5.10 -0.84 30.08
C ALA B 503 6.20 0.05 30.69
C4 FYE C . 2.95 14.77 3.20
C14 FYE C . -4.00 18.08 5.76
C5 FYE C . 2.01 15.37 2.14
C6 FYE C . 1.60 17.28 0.55
C11 FYE C . -4.23 16.86 3.28
C7 FYE C . -0.79 16.82 0.67
C8 FYE C . -2.01 16.82 1.53
C9 FYE C . -3.21 16.21 1.13
C10 FYE C . -4.34 16.22 1.96
C12 FYE C . -5.34 16.89 4.13
C13 FYE C . -5.21 17.49 5.38
C3 FYE C . 4.31 14.50 2.61
F FYE C . -6.27 17.53 6.21
C15 FYE C . -2.91 18.06 4.88
C16 FYE C . -3.01 17.45 3.64
O2 FYE C . -5.43 15.70 1.62
O3 FYE C . -1.92 17.42 2.77
O1 FYE C . -0.76 16.23 -0.39
N FYE C . 0.28 17.45 1.15
C FYE C . 2.54 16.69 1.60
O FYE C . 2.65 17.65 2.66
C2 FYE C . 4.86 15.82 2.03
C1 FYE C . 3.92 16.42 1.00
C4 FYE D . -8.64 -11.56 5.76
C14 FYE D . -8.97 -10.94 13.59
C5 FYE D . -7.61 -12.30 6.59
C6 FYE D . -6.83 -14.57 7.38
C11 FYE D . -6.31 -11.08 12.71
C7 FYE D . -5.60 -13.27 9.10
C8 FYE D . -5.76 -12.50 10.38
C9 FYE D . -4.69 -11.89 11.03
C10 FYE D . -4.92 -11.19 12.21
C12 FYE D . -6.62 -10.38 13.87
C13 FYE D . -7.94 -10.32 14.30
C3 FYE D . -8.68 -12.05 4.32
F FYE D . -8.23 -9.65 15.42
C15 FYE D . -8.65 -11.64 12.45
C16 FYE D . -7.33 -11.69 12.00
O2 FYE D . -3.98 -10.63 12.80
O3 FYE D . -7.04 -12.40 10.89
O1 FYE D . -4.52 -13.25 8.54
N FYE D . -6.69 -13.91 8.67
C FYE D . -7.88 -13.81 6.55
O FYE D . -9.17 -14.11 7.09
C2 FYE D . -8.99 -13.55 4.31
C1 FYE D . -7.90 -14.26 5.09
#